data_9Q32
#
_entry.id   9Q32
#
_cell.length_a   44.814
_cell.length_b   139.385
_cell.length_c   94.074
_cell.angle_alpha   90.00
_cell.angle_beta   94.72
_cell.angle_gamma   90.00
#
_symmetry.space_group_name_H-M   'P 1 21 1'
#
loop_
_entity.id
_entity.type
_entity.pdbx_description
1 polymer 'Receptor-interacting serine/threonine-protein kinase 1'
2 non-polymer 'methyl 1-[(2,6-dichlorophenyl)methyl]-1H-pyrazole-3-carboxylate'
3 water water
#
_entity_poly.entity_id   1
_entity_poly.type   'polypeptide(L)'
_entity_poly.pdbx_seq_one_letter_code
;GSMQPDMSLNVIKMKSSDFLESAELDSGGFGKVSLAFHRTQGLMIMKTVYKGPNCIEHNEALLEEAKMMNRLRHSRVVKL
LGVIIEEGKYSLVMEYMEKGNLMHVLKAEMSTPLSVKGRIILEIIEGMAYLHGKGVIHKDLKPENILVDNDFHIKIADLG
LASFKMWSKLNNEEHNELREVDGTAKKNGGTLYYMAPEHLNDVNAKPTEKSDVYSFAVVLWAIFANKEPYENAIAEQQLI
MAIKSGNRPDVDDITEYCPREIISLMKLCWEANPEARPTFPGIEEKFRPFYLSQLE
;
_entity_poly.pdbx_strand_id   A,B,C,D
#
# COMPACT_ATOMS: atom_id res chain seq x y z
N SER A 8 -15.18 27.47 2.89
CA SER A 8 -16.18 28.17 2.08
C SER A 8 -17.50 28.27 2.81
N LEU A 9 -18.03 27.13 3.26
CA LEU A 9 -19.27 27.10 4.00
C LEU A 9 -19.04 27.57 5.44
N ASN A 10 -20.07 28.16 6.03
CA ASN A 10 -19.98 28.75 7.36
C ASN A 10 -20.71 27.90 8.38
N VAL A 11 -20.35 28.09 9.64
CA VAL A 11 -20.96 27.38 10.75
C VAL A 11 -22.17 28.15 11.23
N ILE A 12 -23.27 27.44 11.45
CA ILE A 12 -24.45 28.05 12.05
C ILE A 12 -24.17 28.30 13.52
N LYS A 13 -24.14 29.58 13.91
CA LYS A 13 -23.93 29.96 15.30
C LYS A 13 -25.28 29.96 16.00
N MET A 14 -25.50 28.97 16.86
CA MET A 14 -26.77 28.79 17.54
C MET A 14 -26.74 29.42 18.93
N LYS A 15 -27.93 29.64 19.48
CA LYS A 15 -28.12 30.16 20.82
C LYS A 15 -28.90 29.16 21.65
N SER A 16 -28.71 29.23 22.97
CA SER A 16 -29.47 28.36 23.87
C SER A 16 -30.96 28.66 23.82
N SER A 17 -31.35 29.86 23.39
CA SER A 17 -32.75 30.26 23.43
C SER A 17 -33.59 29.51 22.39
N ASP A 18 -33.00 29.18 21.23
CA ASP A 18 -33.76 28.46 20.21
C ASP A 18 -33.85 26.96 20.50
N PHE A 19 -33.38 26.51 21.65
CA PHE A 19 -33.57 25.15 22.12
C PHE A 19 -34.50 25.18 23.33
N LEU A 20 -35.53 24.33 23.32
CA LEU A 20 -36.47 24.29 24.43
C LEU A 20 -35.78 23.76 25.68
N GLU A 21 -35.42 22.48 25.68
CA GLU A 21 -34.70 21.88 26.79
C GLU A 21 -33.86 20.72 26.29
N SER A 22 -32.81 20.42 27.03
CA SER A 22 -31.89 19.32 26.72
C SER A 22 -31.91 18.34 27.88
N ALA A 23 -32.30 17.10 27.58
CA ALA A 23 -32.34 16.04 28.57
C ALA A 23 -31.04 15.23 28.51
N GLU A 24 -30.38 15.11 29.66
CA GLU A 24 -29.10 14.41 29.74
C GLU A 24 -29.26 12.92 29.45
N VAL A 33 -23.16 14.48 26.72
CA VAL A 33 -23.98 14.20 25.55
C VAL A 33 -25.46 14.19 25.94
N SER A 34 -26.24 15.04 25.28
CA SER A 34 -27.65 15.21 25.62
C SER A 34 -28.49 15.38 24.36
N LEU A 35 -29.71 14.85 24.41
CA LEU A 35 -30.69 15.08 23.37
C LEU A 35 -31.35 16.44 23.60
N ALA A 36 -31.47 17.23 22.54
CA ALA A 36 -32.05 18.56 22.64
C ALA A 36 -33.01 18.78 21.48
N PHE A 37 -34.13 19.44 21.77
CA PHE A 37 -35.15 19.75 20.77
C PHE A 37 -34.98 21.20 20.32
N HIS A 38 -34.72 21.38 19.04
CA HIS A 38 -34.69 22.71 18.45
C HIS A 38 -36.13 23.11 18.11
N ARG A 39 -36.50 24.35 18.46
CA ARG A 39 -37.90 24.76 18.36
C ARG A 39 -38.42 24.69 16.93
N THR A 40 -37.54 24.87 15.94
CA THR A 40 -37.96 24.83 14.54
C THR A 40 -37.28 23.74 13.72
N GLN A 41 -36.32 23.01 14.29
CA GLN A 41 -35.60 22.01 13.52
C GLN A 41 -35.67 20.60 14.09
N GLY A 42 -36.19 20.42 15.30
CA GLY A 42 -36.40 19.09 15.84
C GLY A 42 -35.25 18.54 16.67
N LEU A 43 -35.09 17.22 16.65
CA LEU A 43 -34.19 16.54 17.57
C LEU A 43 -32.75 16.63 17.10
N MET A 44 -31.86 17.01 18.01
CA MET A 44 -30.43 17.08 17.75
C MET A 44 -29.68 16.61 18.99
N ILE A 45 -28.45 16.16 18.78
CA ILE A 45 -27.56 15.77 19.88
C ILE A 45 -26.68 16.97 20.22
N MET A 46 -26.63 17.31 21.50
CA MET A 46 -25.87 18.46 21.99
C MET A 46 -24.81 17.99 22.97
N LYS A 47 -23.56 18.34 22.71
CA LYS A 47 -22.46 18.07 23.63
C LYS A 47 -21.98 19.39 24.21
N THR A 48 -22.38 19.67 25.45
CA THR A 48 -21.88 20.83 26.17
C THR A 48 -20.45 20.55 26.64
N VAL A 49 -19.54 21.45 26.29
CA VAL A 49 -18.12 21.23 26.56
C VAL A 49 -17.61 22.05 27.74
N TYR A 50 -18.19 23.23 28.00
CA TYR A 50 -17.66 24.14 29.01
C TYR A 50 -18.80 24.84 29.74
N LYS A 51 -18.64 25.02 31.04
CA LYS A 51 -19.52 25.85 31.84
C LYS A 51 -18.71 26.48 32.96
N GLY A 52 -18.60 27.81 32.94
CA GLY A 52 -17.83 28.52 33.94
C GLY A 52 -17.57 29.97 33.55
N PRO A 53 -16.38 30.48 33.88
CA PRO A 53 -15.98 31.84 33.53
C PRO A 53 -15.62 31.99 32.05
N ILE A 56 -13.12 33.27 26.82
CA ILE A 56 -13.47 34.39 25.96
C ILE A 56 -12.37 34.61 24.92
N GLU A 57 -11.11 34.43 25.35
CA GLU A 57 -10.00 34.55 24.42
C GLU A 57 -9.98 33.41 23.40
N HIS A 58 -10.69 32.33 23.67
CA HIS A 58 -10.72 31.17 22.79
C HIS A 58 -11.88 31.19 21.80
N ASN A 59 -12.84 32.12 21.96
CA ASN A 59 -14.02 32.14 21.10
C ASN A 59 -13.68 32.16 19.62
N GLU A 60 -12.49 32.66 19.26
CA GLU A 60 -12.07 32.75 17.87
C GLU A 60 -11.45 31.44 17.39
N ALA A 61 -10.46 30.92 18.13
CA ALA A 61 -9.85 29.65 17.76
C ALA A 61 -10.85 28.50 17.84
N LEU A 62 -11.88 28.66 18.67
CA LEU A 62 -12.91 27.63 18.77
C LEU A 62 -13.82 27.63 17.54
N LEU A 63 -14.25 28.82 17.11
CA LEU A 63 -15.11 28.86 15.92
C LEU A 63 -14.32 28.57 14.65
N GLU A 64 -13.04 28.95 14.60
CA GLU A 64 -12.22 28.61 13.44
C GLU A 64 -12.01 27.10 13.36
N GLU A 65 -11.80 26.44 14.50
CA GLU A 65 -11.73 24.99 14.51
C GLU A 65 -13.06 24.37 14.09
N ALA A 66 -14.17 24.98 14.53
CA ALA A 66 -15.49 24.48 14.13
C ALA A 66 -15.72 24.66 12.64
N LYS A 67 -15.21 25.76 12.07
CA LYS A 67 -15.31 25.94 10.63
C LYS A 67 -14.43 24.94 9.88
N MET A 68 -13.29 24.58 10.45
CA MET A 68 -12.44 23.56 9.83
C MET A 68 -13.12 22.19 9.85
N MET A 69 -13.86 21.90 10.94
CA MET A 69 -14.53 20.62 11.07
C MET A 69 -15.84 20.58 10.31
N ASN A 70 -16.47 21.73 10.11
CA ASN A 70 -17.71 21.80 9.35
C ASN A 70 -17.51 21.48 7.87
N ARG A 71 -16.26 21.56 7.38
CA ARG A 71 -16.00 21.25 5.98
C ARG A 71 -16.14 19.75 5.69
N LEU A 72 -15.92 18.92 6.69
CA LEU A 72 -15.96 17.47 6.48
C LEU A 72 -17.40 17.05 6.25
N ARG A 73 -17.75 16.76 5.00
CA ARG A 73 -19.12 16.40 4.65
C ARG A 73 -19.10 15.10 3.86
N HIS A 74 -19.72 14.07 4.44
CA HIS A 74 -19.77 12.74 3.87
C HIS A 74 -20.99 12.04 4.46
N SER A 75 -21.61 11.17 3.66
CA SER A 75 -22.83 10.51 4.12
C SER A 75 -22.61 9.58 5.30
N ARG A 76 -21.36 9.19 5.56
CA ARG A 76 -21.04 8.28 6.66
C ARG A 76 -20.27 8.96 7.79
N VAL A 77 -20.28 10.29 7.83
CA VAL A 77 -19.70 11.06 8.91
C VAL A 77 -20.77 11.99 9.46
N VAL A 78 -20.87 12.08 10.79
CA VAL A 78 -21.90 12.90 11.40
C VAL A 78 -21.64 14.37 11.07
N LYS A 79 -22.72 15.11 10.86
CA LYS A 79 -22.63 16.52 10.50
C LYS A 79 -22.62 17.38 11.76
N LEU A 80 -21.70 18.33 11.81
CA LEU A 80 -21.72 19.36 12.86
C LEU A 80 -22.75 20.41 12.45
N LEU A 81 -23.93 20.37 13.08
CA LEU A 81 -25.01 21.26 12.67
C LEU A 81 -24.79 22.69 13.15
N GLY A 82 -24.15 22.87 14.29
CA GLY A 82 -23.90 24.22 14.77
C GLY A 82 -23.09 24.20 16.04
N VAL A 83 -22.75 25.39 16.51
CA VAL A 83 -22.01 25.60 17.74
C VAL A 83 -22.74 26.63 18.58
N ILE A 84 -22.63 26.49 19.90
CA ILE A 84 -23.18 27.46 20.84
C ILE A 84 -22.01 28.08 21.57
N ILE A 85 -21.72 29.34 21.27
CA ILE A 85 -20.63 30.07 21.88
C ILE A 85 -21.26 31.26 22.61
N GLU A 86 -21.46 31.11 23.91
CA GLU A 86 -21.99 32.16 24.78
C GLU A 86 -21.03 32.38 25.94
N GLU A 87 -21.37 33.35 26.78
CA GLU A 87 -20.52 33.69 27.93
C GLU A 87 -20.50 32.54 28.92
N GLY A 88 -19.33 31.91 29.08
CA GLY A 88 -19.21 30.77 29.96
C GLY A 88 -20.00 29.55 29.56
N LYS A 89 -20.50 29.49 28.33
CA LYS A 89 -21.27 28.35 27.85
C LYS A 89 -20.80 27.99 26.45
N TYR A 90 -20.34 26.76 26.27
CA TYR A 90 -19.81 26.31 24.98
C TYR A 90 -20.32 24.91 24.70
N SER A 91 -20.93 24.72 23.53
CA SER A 91 -21.50 23.44 23.16
C SER A 91 -21.34 23.20 21.67
N LEU A 92 -21.35 21.92 21.30
CA LEU A 92 -21.39 21.49 19.92
C LEU A 92 -22.71 20.77 19.65
N VAL A 93 -23.31 21.09 18.51
CA VAL A 93 -24.60 20.51 18.11
C VAL A 93 -24.38 19.68 16.87
N MET A 94 -24.88 18.44 16.88
CA MET A 94 -24.67 17.51 15.78
C MET A 94 -25.93 16.69 15.55
N GLU A 95 -25.92 15.92 14.47
CA GLU A 95 -27.07 15.14 14.04
C GLU A 95 -27.54 14.19 15.14
N TYR A 96 -28.81 13.82 15.06
CA TYR A 96 -29.40 12.85 15.95
C TYR A 96 -29.56 11.51 15.23
N MET A 97 -29.06 10.45 15.84
CA MET A 97 -29.16 9.09 15.29
C MET A 97 -30.00 8.26 16.25
N GLU A 98 -31.14 7.76 15.75
CA GLU A 98 -32.18 7.26 16.64
C GLU A 98 -31.73 6.02 17.41
N LYS A 99 -30.99 5.11 16.76
CA LYS A 99 -30.72 3.80 17.32
C LYS A 99 -29.47 3.76 18.20
N GLY A 100 -28.78 4.88 18.39
CA GLY A 100 -27.64 4.92 19.28
C GLY A 100 -26.34 4.50 18.62
N ASN A 101 -25.40 3.97 19.41
CA ASN A 101 -24.13 3.56 18.86
C ASN A 101 -24.17 2.09 18.42
N LEU A 102 -23.09 1.66 17.76
CA LEU A 102 -23.07 0.34 17.14
C LEU A 102 -23.19 -0.78 18.16
N MET A 103 -22.55 -0.62 19.33
CA MET A 103 -22.59 -1.67 20.34
C MET A 103 -24.00 -1.85 20.89
N HIS A 104 -24.73 -0.75 21.05
CA HIS A 104 -26.11 -0.84 21.52
C HIS A 104 -26.99 -1.59 20.52
N VAL A 105 -26.77 -1.37 19.23
CA VAL A 105 -27.55 -2.06 18.21
C VAL A 105 -27.15 -3.53 18.12
N LEU A 106 -25.86 -3.82 18.29
CA LEU A 106 -25.38 -5.18 18.20
C LEU A 106 -25.87 -6.03 19.37
N LYS A 107 -26.00 -5.45 20.55
CA LYS A 107 -26.43 -6.18 21.73
C LYS A 107 -27.95 -6.30 21.83
N ALA A 108 -28.70 -5.75 20.88
CA ALA A 108 -30.15 -5.89 20.89
C ALA A 108 -30.54 -7.30 20.50
N GLU A 109 -31.72 -7.72 20.97
CA GLU A 109 -32.14 -9.11 20.78
C GLU A 109 -32.45 -9.43 19.32
N MET A 110 -32.98 -8.46 18.57
CA MET A 110 -33.22 -8.69 17.16
C MET A 110 -31.88 -8.85 16.44
N SER A 111 -31.69 -9.98 15.78
CA SER A 111 -30.42 -10.26 15.13
C SER A 111 -30.29 -9.43 13.85
N THR A 112 -29.08 -8.95 13.60
CA THR A 112 -28.80 -8.17 12.40
C THR A 112 -28.28 -9.09 11.31
N PRO A 113 -28.94 -9.15 10.15
CA PRO A 113 -28.51 -10.10 9.11
C PRO A 113 -27.12 -9.75 8.58
N LEU A 114 -26.56 -10.72 7.85
CA LEU A 114 -25.22 -10.56 7.28
C LEU A 114 -25.19 -9.46 6.21
N SER A 115 -26.30 -9.25 5.51
CA SER A 115 -26.35 -8.21 4.49
C SER A 115 -26.24 -6.83 5.12
N VAL A 116 -26.90 -6.62 6.26
CA VAL A 116 -26.83 -5.33 6.94
C VAL A 116 -25.46 -5.14 7.59
N LYS A 117 -24.93 -6.20 8.19
CA LYS A 117 -23.60 -6.11 8.82
C LYS A 117 -22.53 -5.81 7.78
N GLY A 118 -22.63 -6.44 6.60
CA GLY A 118 -21.69 -6.14 5.53
C GLY A 118 -21.82 -4.71 5.04
N ARG A 119 -23.05 -4.23 4.91
CA ARG A 119 -23.26 -2.83 4.52
C ARG A 119 -22.65 -1.87 5.53
N ILE A 120 -22.81 -2.17 6.82
CA ILE A 120 -22.24 -1.31 7.86
C ILE A 120 -20.73 -1.26 7.74
N ILE A 121 -20.09 -2.41 7.50
CA ILE A 121 -18.64 -2.46 7.38
C ILE A 121 -18.18 -1.62 6.20
N LEU A 122 -18.86 -1.73 5.06
CA LEU A 122 -18.51 -0.94 3.89
C LEU A 122 -18.64 0.55 4.17
N GLU A 123 -19.69 0.94 4.91
CA GLU A 123 -19.88 2.36 5.22
C GLU A 123 -18.85 2.88 6.21
N ILE A 124 -18.42 2.02 7.15
CA ILE A 124 -17.31 2.42 8.03
C ILE A 124 -16.04 2.62 7.21
N ILE A 125 -15.79 1.73 6.25
CA ILE A 125 -14.63 1.88 5.38
C ILE A 125 -14.73 3.15 4.56
N GLU A 126 -15.93 3.45 4.05
CA GLU A 126 -16.12 4.65 3.23
C GLU A 126 -15.84 5.91 4.04
N GLY A 127 -16.41 5.99 5.25
CA GLY A 127 -16.20 7.16 6.08
C GLY A 127 -14.78 7.31 6.58
N MET A 128 -14.11 6.19 6.85
CA MET A 128 -12.72 6.25 7.28
C MET A 128 -11.80 6.68 6.15
N ALA A 129 -12.07 6.22 4.92
CA ALA A 129 -11.27 6.63 3.78
C ALA A 129 -11.44 8.10 3.47
N TYR A 130 -12.64 8.64 3.67
CA TYR A 130 -12.86 10.06 3.44
C TYR A 130 -12.10 10.91 4.44
N LEU A 131 -12.16 10.54 5.73
CA LEU A 131 -11.45 11.32 6.74
C LEU A 131 -9.95 11.27 6.54
N HIS A 132 -9.41 10.10 6.19
CA HIS A 132 -7.98 10.00 5.94
C HIS A 132 -7.57 10.74 4.68
N GLY A 133 -8.42 10.70 3.65
CA GLY A 133 -8.14 11.48 2.44
C GLY A 133 -8.12 12.97 2.69
N LYS A 134 -8.85 13.43 3.70
CA LYS A 134 -8.82 14.82 4.11
C LYS A 134 -7.72 15.11 5.13
N GLY A 135 -6.88 14.13 5.45
CA GLY A 135 -5.81 14.31 6.40
C GLY A 135 -6.19 14.18 7.85
N VAL A 136 -7.44 13.84 8.14
CA VAL A 136 -7.92 13.72 9.52
C VAL A 136 -7.67 12.30 10.01
N ILE A 137 -6.98 12.17 11.13
CA ILE A 137 -6.79 10.90 11.81
C ILE A 137 -7.73 10.86 13.00
N HIS A 138 -8.59 9.84 13.04
CA HIS A 138 -9.66 9.80 14.04
C HIS A 138 -9.11 9.65 15.45
N LYS A 139 -8.21 8.69 15.65
CA LYS A 139 -7.49 8.38 16.88
C LYS A 139 -8.36 7.66 17.90
N ASP A 140 -9.67 7.56 17.72
CA ASP A 140 -10.54 6.94 18.71
C ASP A 140 -11.71 6.25 18.03
N LEU A 141 -11.42 5.43 17.03
CA LEU A 141 -12.47 4.66 16.36
C LEU A 141 -12.88 3.48 17.24
N LYS A 142 -14.16 3.40 17.55
CA LYS A 142 -14.71 2.36 18.42
C LYS A 142 -16.22 2.35 18.24
N PRO A 143 -16.89 1.25 18.62
CA PRO A 143 -18.34 1.18 18.42
C PRO A 143 -19.11 2.31 19.06
N GLU A 144 -18.61 2.88 20.16
CA GLU A 144 -19.28 4.02 20.76
C GLU A 144 -19.27 5.24 19.86
N ASN A 145 -18.37 5.29 18.88
CA ASN A 145 -18.24 6.41 17.96
C ASN A 145 -18.90 6.16 16.62
N ILE A 146 -19.60 5.04 16.47
CA ILE A 146 -20.31 4.70 15.23
C ILE A 146 -21.80 4.71 15.56
N LEU A 147 -22.50 5.73 15.09
CA LEU A 147 -23.92 5.91 15.37
C LEU A 147 -24.77 5.37 14.24
N VAL A 148 -25.93 4.82 14.59
CA VAL A 148 -26.81 4.14 13.66
C VAL A 148 -28.17 4.81 13.67
N ASP A 149 -28.77 4.97 12.48
CA ASP A 149 -30.12 5.49 12.36
C ASP A 149 -31.11 4.34 12.23
N ASN A 150 -32.37 4.66 11.96
CA ASN A 150 -33.41 3.63 11.93
C ASN A 150 -33.28 2.71 10.72
N ASP A 151 -32.67 3.19 9.64
CA ASP A 151 -32.47 2.39 8.44
C ASP A 151 -31.17 1.58 8.50
N PHE A 152 -30.56 1.47 9.68
CA PHE A 152 -29.30 0.73 9.89
C PHE A 152 -28.13 1.32 9.11
N HIS A 153 -28.24 2.57 8.69
CA HIS A 153 -27.09 3.29 8.14
C HIS A 153 -26.30 3.93 9.27
N ILE A 154 -24.99 4.03 9.08
CA ILE A 154 -24.10 4.46 10.14
C ILE A 154 -23.44 5.78 9.77
N LYS A 155 -22.93 6.46 10.80
CA LYS A 155 -22.15 7.68 10.64
C LYS A 155 -21.09 7.71 11.74
N ILE A 156 -19.87 8.06 11.37
CA ILE A 156 -18.74 8.09 12.30
C ILE A 156 -18.75 9.43 13.03
N ALA A 157 -18.60 9.37 14.36
CA ALA A 157 -18.59 10.54 15.21
C ALA A 157 -17.29 10.63 15.99
N ASP A 158 -17.06 11.79 16.59
CA ASP A 158 -15.89 12.05 17.41
C ASP A 158 -16.34 12.55 18.79
N LEU A 159 -17.07 11.69 19.50
CA LEU A 159 -17.70 12.11 20.75
C LEU A 159 -16.67 12.42 21.83
N GLY A 160 -15.49 11.82 21.77
CA GLY A 160 -14.45 12.15 22.71
C GLY A 160 -13.70 13.43 22.41
N LEU A 161 -14.04 14.11 21.31
CA LEU A 161 -13.36 15.33 20.88
C LEU A 161 -11.87 15.08 20.66
N ALA A 162 -11.55 13.92 20.09
CA ALA A 162 -10.15 13.57 19.86
C ALA A 162 -9.52 14.48 18.82
N SER A 163 -10.23 14.78 17.74
CA SER A 163 -9.71 15.62 16.67
C SER A 163 -10.01 17.10 16.88
N PHE A 164 -10.85 17.45 17.85
CA PHE A 164 -11.17 18.85 18.16
C PHE A 164 -10.13 19.35 19.16
N LYS A 165 -9.03 19.90 18.64
CA LYS A 165 -7.90 20.23 19.50
C LYS A 165 -8.24 21.39 20.44
N MET A 166 -8.78 22.49 19.90
CA MET A 166 -9.18 23.61 20.75
C MET A 166 -10.31 23.23 21.69
N TRP A 167 -11.34 22.56 21.18
CA TRP A 167 -12.50 22.23 22.00
C TRP A 167 -12.15 21.21 23.07
N SER A 168 -11.14 20.37 22.84
CA SER A 168 -10.69 19.45 23.88
C SER A 168 -9.86 20.18 24.93
N LYS A 169 -9.03 21.14 24.50
CA LYS A 169 -8.33 22.01 25.44
C LYS A 169 -9.33 22.76 26.33
N LEU A 170 -10.45 23.20 25.75
CA LEU A 170 -11.49 23.84 26.53
C LEU A 170 -12.15 22.85 27.49
N ASN A 171 -12.31 21.60 27.04
CA ASN A 171 -12.96 20.60 27.88
C ASN A 171 -12.14 20.29 29.13
N ASN A 172 -10.81 20.25 28.99
CA ASN A 172 -9.91 19.89 30.08
C ASN A 172 -9.45 21.09 30.89
N GLU A 173 -10.01 22.27 30.65
CA GLU A 173 -9.57 23.45 31.37
C GLU A 173 -9.99 23.37 32.84
N GLU A 174 -9.25 24.11 33.67
CA GLU A 174 -9.39 23.95 35.12
C GLU A 174 -10.75 24.44 35.61
N HIS A 175 -11.18 25.61 35.16
CA HIS A 175 -12.41 26.23 35.65
C HIS A 175 -13.66 25.75 34.92
N ASN A 176 -13.61 24.56 34.31
CA ASN A 176 -14.76 23.95 33.66
C ASN A 176 -15.34 22.90 34.60
N GLU A 177 -16.54 23.17 35.12
CA GLU A 177 -17.18 22.26 36.07
C GLU A 177 -17.58 20.95 35.40
N GLY A 190 -13.16 5.55 27.46
CA GLY A 190 -11.75 5.40 27.76
C GLY A 190 -11.28 3.96 27.69
N THR A 191 -11.96 3.15 26.87
CA THR A 191 -11.62 1.75 26.75
C THR A 191 -10.31 1.58 25.98
N LEU A 192 -9.70 0.41 26.16
CA LEU A 192 -8.45 0.06 25.50
C LEU A 192 -8.61 -1.08 24.51
N TYR A 193 -9.82 -1.62 24.35
CA TYR A 193 -10.02 -2.79 23.50
C TYR A 193 -9.68 -2.51 22.05
N TYR A 194 -9.77 -1.25 21.63
CA TYR A 194 -9.63 -0.88 20.23
C TYR A 194 -8.40 -0.05 19.95
N MET A 195 -7.54 0.17 20.96
CA MET A 195 -6.31 0.91 20.76
C MET A 195 -5.24 0.02 20.16
N ALA A 196 -4.50 0.56 19.20
CA ALA A 196 -3.38 -0.17 18.62
C ALA A 196 -2.34 -0.44 19.69
N PRO A 197 -1.67 -1.60 19.66
CA PRO A 197 -0.75 -1.95 20.76
C PRO A 197 0.39 -0.98 20.94
N GLU A 198 0.83 -0.29 19.87
CA GLU A 198 1.91 0.68 20.01
C GLU A 198 1.51 1.89 20.85
N HIS A 199 0.23 2.06 21.15
CA HIS A 199 -0.23 3.15 22.01
C HIS A 199 -0.49 2.70 23.44
N LEU A 200 -0.59 1.40 23.69
CA LEU A 200 -0.69 0.90 25.05
C LEU A 200 0.64 1.06 25.76
N ASN A 201 0.62 1.64 26.97
CA ASN A 201 1.82 1.88 27.77
C ASN A 201 2.83 2.75 27.03
N ASP A 202 2.34 3.63 26.16
CA ASP A 202 3.21 4.54 25.41
C ASP A 202 2.36 5.71 24.94
N VAL A 203 2.25 6.73 25.79
CA VAL A 203 1.46 7.92 25.46
C VAL A 203 2.17 8.86 24.49
N ASN A 204 3.48 8.68 24.29
CA ASN A 204 4.25 9.56 23.42
C ASN A 204 4.23 9.12 21.96
N ALA A 205 3.63 7.97 21.65
CA ALA A 205 3.50 7.54 20.27
C ALA A 205 2.40 8.35 19.58
N LYS A 206 2.72 8.88 18.40
CA LYS A 206 1.77 9.72 17.67
C LYS A 206 0.85 8.82 16.85
N PRO A 207 -0.47 8.92 17.02
CA PRO A 207 -1.37 8.07 16.24
C PRO A 207 -1.30 8.37 14.76
N THR A 208 -1.36 7.31 13.95
CA THR A 208 -1.29 7.40 12.51
C THR A 208 -2.56 6.82 11.89
N GLU A 209 -2.61 6.83 10.56
CA GLU A 209 -3.72 6.18 9.87
C GLU A 209 -3.75 4.68 10.16
N LYS A 210 -2.58 4.08 10.40
CA LYS A 210 -2.53 2.66 10.72
C LYS A 210 -3.13 2.37 12.09
N SER A 211 -3.11 3.36 12.99
CA SER A 211 -3.77 3.19 14.28
C SER A 211 -5.28 3.05 14.10
N ASP A 212 -5.87 3.83 13.19
CA ASP A 212 -7.29 3.70 12.90
C ASP A 212 -7.60 2.35 12.25
N VAL A 213 -6.66 1.81 11.46
CA VAL A 213 -6.88 0.53 10.80
C VAL A 213 -6.96 -0.59 11.83
N TYR A 214 -6.12 -0.53 12.87
CA TYR A 214 -6.20 -1.53 13.93
C TYR A 214 -7.55 -1.45 14.65
N SER A 215 -7.99 -0.23 14.97
CA SER A 215 -9.29 -0.06 15.63
C SER A 215 -10.40 -0.65 14.78
N PHE A 216 -10.33 -0.43 13.47
CA PHE A 216 -11.33 -1.00 12.55
C PHE A 216 -11.34 -2.53 12.64
N ALA A 217 -10.16 -3.15 12.80
CA ALA A 217 -10.09 -4.60 12.88
C ALA A 217 -10.87 -5.15 14.06
N VAL A 218 -10.72 -4.52 15.23
CA VAL A 218 -11.44 -5.01 16.40
C VAL A 218 -12.92 -4.68 16.30
N VAL A 219 -13.27 -3.58 15.64
CA VAL A 219 -14.68 -3.29 15.37
C VAL A 219 -15.27 -4.36 14.47
N LEU A 220 -14.51 -4.81 13.47
CA LEU A 220 -14.93 -5.93 12.62
C LEU A 220 -15.29 -7.15 13.46
N TRP A 221 -14.41 -7.51 14.40
CA TRP A 221 -14.66 -8.66 15.26
C TRP A 221 -15.90 -8.46 16.10
N ALA A 222 -16.08 -7.27 16.67
CA ALA A 222 -17.23 -7.02 17.53
C ALA A 222 -18.53 -7.04 16.74
N ILE A 223 -18.49 -6.70 15.45
CA ILE A 223 -19.71 -6.72 14.63
C ILE A 223 -20.24 -8.14 14.51
N PHE A 224 -19.36 -9.13 14.37
CA PHE A 224 -19.78 -10.51 14.23
C PHE A 224 -19.91 -11.24 15.56
N ALA A 225 -19.16 -10.81 16.58
CA ALA A 225 -19.30 -11.41 17.90
C ALA A 225 -20.44 -10.82 18.71
N ASN A 226 -20.98 -9.68 18.29
CA ASN A 226 -22.12 -9.04 18.95
C ASN A 226 -21.81 -8.66 20.40
N LYS A 227 -20.56 -8.37 20.70
CA LYS A 227 -20.15 -8.02 22.06
C LYS A 227 -18.74 -7.44 22.02
N GLU A 228 -18.28 -7.00 23.20
CA GLU A 228 -16.93 -6.49 23.37
C GLU A 228 -15.94 -7.65 23.47
N PRO A 229 -14.69 -7.42 23.12
CA PRO A 229 -13.67 -8.47 23.21
C PRO A 229 -13.10 -8.57 24.62
N TYR A 230 -12.35 -9.66 24.85
CA TYR A 230 -11.57 -9.87 26.06
C TYR A 230 -12.45 -9.91 27.31
N GLU A 231 -13.53 -10.70 27.25
CA GLU A 231 -14.41 -10.81 28.40
C GLU A 231 -13.76 -11.59 29.54
N ASN A 232 -12.81 -12.48 29.22
CA ASN A 232 -12.16 -13.31 30.23
C ASN A 232 -10.92 -12.67 30.83
N ALA A 233 -10.60 -11.43 30.46
CA ALA A 233 -9.46 -10.74 31.04
C ALA A 233 -9.70 -10.47 32.52
N ILE A 234 -8.64 -10.58 33.32
CA ILE A 234 -8.73 -10.44 34.75
C ILE A 234 -8.34 -9.04 35.21
N ALA A 235 -7.27 -8.48 34.64
CA ALA A 235 -6.78 -7.17 35.09
C ALA A 235 -6.28 -6.39 33.88
N GLU A 236 -6.30 -5.06 34.02
CA GLU A 236 -5.91 -4.17 32.92
C GLU A 236 -4.46 -4.38 32.52
N GLN A 237 -3.57 -4.59 33.50
CA GLN A 237 -2.17 -4.78 33.18
C GLN A 237 -1.93 -6.13 32.50
N GLN A 238 -2.73 -7.14 32.82
CA GLN A 238 -2.64 -8.40 32.10
C GLN A 238 -3.10 -8.23 30.65
N LEU A 239 -4.17 -7.47 30.44
CA LEU A 239 -4.69 -7.24 29.10
C LEU A 239 -3.69 -6.49 28.23
N ILE A 240 -3.06 -5.45 28.79
CA ILE A 240 -2.13 -4.64 28.02
C ILE A 240 -0.92 -5.47 27.59
N MET A 241 -0.35 -6.24 28.53
CA MET A 241 0.80 -7.07 28.19
C MET A 241 0.43 -8.15 27.17
N ALA A 242 -0.80 -8.66 27.24
CA ALA A 242 -1.23 -9.68 26.29
C ALA A 242 -1.30 -9.12 24.88
N ILE A 243 -2.00 -7.99 24.71
CA ILE A 243 -2.16 -7.41 23.38
C ILE A 243 -0.81 -6.99 22.80
N LYS A 244 0.06 -6.41 23.63
CA LYS A 244 1.36 -5.98 23.14
C LYS A 244 2.21 -7.18 22.71
N SER A 245 1.96 -8.35 23.27
CA SER A 245 2.71 -9.55 22.91
C SER A 245 2.07 -10.34 21.77
N GLY A 246 0.96 -9.86 21.22
CA GLY A 246 0.34 -10.49 20.07
C GLY A 246 -1.04 -11.07 20.32
N ASN A 247 -1.57 -10.97 21.53
CA ASN A 247 -2.90 -11.52 21.81
C ASN A 247 -3.98 -10.66 21.19
N ARG A 248 -4.98 -11.30 20.62
CA ARG A 248 -6.03 -10.68 19.83
C ARG A 248 -7.38 -11.21 20.26
N PRO A 249 -8.48 -10.57 19.83
CA PRO A 249 -9.81 -11.10 20.15
C PRO A 249 -9.98 -12.53 19.63
N ASP A 250 -10.69 -13.34 20.41
CA ASP A 250 -10.85 -14.75 20.10
C ASP A 250 -11.74 -14.92 18.88
N VAL A 251 -11.14 -15.38 17.78
CA VAL A 251 -11.92 -15.61 16.56
C VAL A 251 -12.89 -16.76 16.75
N ASP A 252 -12.46 -17.81 17.46
CA ASP A 252 -13.34 -18.95 17.72
C ASP A 252 -14.55 -18.56 18.55
N ASP A 253 -14.50 -17.43 19.24
CA ASP A 253 -15.62 -16.97 20.04
C ASP A 253 -16.77 -16.43 19.19
N ILE A 254 -16.57 -16.28 17.89
CA ILE A 254 -17.64 -15.88 16.97
C ILE A 254 -18.48 -17.12 16.67
N THR A 255 -19.69 -17.17 17.22
CA THR A 255 -20.61 -18.27 16.92
C THR A 255 -21.40 -18.00 15.64
N GLU A 256 -21.67 -16.74 15.33
CA GLU A 256 -22.33 -16.38 14.09
C GLU A 256 -21.46 -16.76 12.89
N TYR A 257 -22.09 -16.88 11.73
CA TYR A 257 -21.34 -17.16 10.51
C TYR A 257 -20.53 -15.94 10.11
N CYS A 258 -19.26 -16.16 9.79
CA CYS A 258 -18.36 -15.07 9.39
C CYS A 258 -17.63 -15.48 8.12
N PRO A 259 -17.77 -14.72 7.03
CA PRO A 259 -17.08 -15.09 5.80
C PRO A 259 -15.57 -15.16 5.97
N ARG A 260 -14.97 -16.14 5.29
CA ARG A 260 -13.53 -16.34 5.30
C ARG A 260 -12.78 -15.06 4.96
N GLU A 261 -13.32 -14.27 4.02
CA GLU A 261 -12.65 -13.05 3.58
C GLU A 261 -12.64 -11.99 4.68
N ILE A 262 -13.67 -11.94 5.52
CA ILE A 262 -13.71 -10.95 6.58
C ILE A 262 -12.77 -11.32 7.72
N ILE A 263 -12.64 -12.62 8.02
CA ILE A 263 -11.68 -13.06 9.01
C ILE A 263 -10.26 -12.75 8.55
N SER A 264 -9.99 -12.94 7.25
CA SER A 264 -8.68 -12.60 6.71
C SER A 264 -8.44 -11.09 6.79
N LEU A 265 -9.46 -10.29 6.46
CA LEU A 265 -9.34 -8.84 6.59
C LEU A 265 -9.10 -8.44 8.04
N MET A 266 -9.79 -9.11 8.97
CA MET A 266 -9.60 -8.89 10.40
C MET A 266 -8.14 -9.10 10.80
N LYS A 267 -7.61 -10.28 10.51
CA LYS A 267 -6.25 -10.61 10.94
C LYS A 267 -5.21 -9.76 10.24
N LEU A 268 -5.51 -9.27 9.04
CA LEU A 268 -4.57 -8.40 8.34
C LEU A 268 -4.54 -7.01 8.94
N CYS A 269 -5.67 -6.53 9.45
CA CYS A 269 -5.75 -5.15 9.94
C CYS A 269 -5.29 -5.00 11.39
N TRP A 270 -5.23 -6.08 12.17
CA TRP A 270 -4.72 -6.00 13.53
C TRP A 270 -3.33 -6.62 13.67
N GLU A 271 -2.54 -6.56 12.60
CA GLU A 271 -1.16 -7.02 12.66
C GLU A 271 -0.37 -6.18 13.64
N ALA A 272 0.58 -6.82 14.33
CA ALA A 272 1.38 -6.10 15.32
C ALA A 272 2.19 -4.98 14.69
N ASN A 273 2.78 -5.25 13.52
CA ASN A 273 3.53 -4.23 12.80
C ASN A 273 2.58 -3.28 12.10
N PRO A 274 2.60 -1.98 12.41
CA PRO A 274 1.66 -1.05 11.76
C PRO A 274 1.87 -0.94 10.26
N GLU A 275 3.09 -1.11 9.76
CA GLU A 275 3.32 -1.01 8.33
C GLU A 275 2.81 -2.22 7.57
N ALA A 276 2.41 -3.30 8.27
CA ALA A 276 1.80 -4.43 7.59
C ALA A 276 0.31 -4.28 7.42
N ARG A 277 -0.31 -3.35 8.14
CA ARG A 277 -1.74 -3.08 8.03
C ARG A 277 -2.03 -2.34 6.71
N PRO A 278 -3.11 -2.69 6.05
CA PRO A 278 -3.47 -2.02 4.79
C PRO A 278 -4.06 -0.63 5.08
N THR A 279 -4.34 0.09 4.00
CA THR A 279 -5.01 1.38 4.08
C THR A 279 -6.49 1.21 3.74
N PHE A 280 -7.30 2.15 4.22
CA PHE A 280 -8.74 2.09 3.97
C PHE A 280 -9.09 2.12 2.48
N PRO A 281 -8.42 2.90 1.62
CA PRO A 281 -8.66 2.73 0.18
C PRO A 281 -8.31 1.34 -0.32
N GLY A 282 -7.25 0.74 0.21
CA GLY A 282 -6.93 -0.63 -0.15
C GLY A 282 -7.96 -1.62 0.37
N ILE A 283 -8.46 -1.39 1.58
CA ILE A 283 -9.55 -2.22 2.11
C ILE A 283 -10.81 -2.03 1.28
N GLU A 284 -11.08 -0.78 0.86
CA GLU A 284 -12.28 -0.49 0.09
C GLU A 284 -12.25 -1.17 -1.26
N GLU A 285 -11.09 -1.19 -1.93
CA GLU A 285 -11.00 -1.78 -3.26
C GLU A 285 -11.28 -3.27 -3.24
N LYS A 286 -10.90 -3.96 -2.16
CA LYS A 286 -11.10 -5.40 -2.07
C LYS A 286 -12.48 -5.77 -1.52
N PHE A 287 -13.01 -4.99 -0.60
CA PHE A 287 -14.22 -5.37 0.11
C PHE A 287 -15.49 -5.05 -0.68
N ARG A 288 -15.50 -3.96 -1.45
CA ARG A 288 -16.70 -3.60 -2.18
C ARG A 288 -17.13 -4.64 -3.21
N PRO A 289 -16.23 -5.20 -4.04
CA PRO A 289 -16.68 -6.28 -4.93
C PRO A 289 -17.16 -7.51 -4.17
N PHE A 290 -16.52 -7.82 -3.03
CA PHE A 290 -16.96 -8.97 -2.24
C PHE A 290 -18.33 -8.73 -1.61
N TYR A 291 -18.60 -7.48 -1.20
CA TYR A 291 -19.89 -7.18 -0.60
C TYR A 291 -21.01 -7.20 -1.63
N LEU A 292 -20.76 -6.65 -2.81
CA LEU A 292 -21.80 -6.59 -3.83
C LEU A 292 -22.13 -7.98 -4.39
N SER A 293 -21.12 -8.85 -4.49
CA SER A 293 -21.31 -10.14 -5.13
C SER A 293 -21.74 -11.24 -4.17
N GLN A 294 -21.43 -11.12 -2.88
CA GLN A 294 -21.68 -12.19 -1.93
C GLN A 294 -22.54 -11.81 -0.74
N LEU A 295 -22.77 -10.52 -0.49
CA LEU A 295 -23.55 -10.11 0.67
C LEU A 295 -24.80 -9.34 0.26
N ASN B 10 4.13 18.12 -14.50
CA ASN B 10 2.85 18.23 -15.19
C ASN B 10 2.72 17.18 -16.28
N VAL B 11 3.12 15.95 -15.96
CA VAL B 11 3.05 14.85 -16.90
C VAL B 11 1.84 13.94 -16.60
N ILE B 12 0.79 14.49 -15.99
CA ILE B 12 -0.46 13.76 -15.83
C ILE B 12 -1.19 13.74 -17.16
N LYS B 13 -0.48 13.37 -18.21
CA LYS B 13 -1.02 13.21 -19.55
C LYS B 13 -1.31 11.74 -19.82
N MET B 14 -2.06 11.49 -20.87
CA MET B 14 -2.45 10.12 -21.23
C MET B 14 -2.24 9.91 -22.72
N LYS B 15 -2.10 8.64 -23.09
CA LYS B 15 -1.93 8.23 -24.48
C LYS B 15 -3.07 7.30 -24.86
N SER B 16 -3.38 7.26 -26.16
CA SER B 16 -4.45 6.41 -26.65
C SER B 16 -4.19 4.93 -26.41
N SER B 17 -2.96 4.54 -26.07
CA SER B 17 -2.66 3.14 -25.81
C SER B 17 -3.15 2.70 -24.45
N ASP B 18 -3.06 3.57 -23.44
CA ASP B 18 -3.52 3.24 -22.09
C ASP B 18 -5.01 2.93 -22.05
N PHE B 19 -5.72 3.09 -23.16
CA PHE B 19 -7.15 2.86 -23.24
C PHE B 19 -7.43 1.71 -24.20
N LEU B 20 -8.36 0.85 -23.81
CA LEU B 20 -8.66 -0.36 -24.58
C LEU B 20 -10.07 -0.30 -25.16
N SER B 34 -17.86 9.66 -25.18
CA SER B 34 -17.83 8.21 -25.37
C SER B 34 -17.10 7.53 -24.22
N LEU B 35 -17.27 6.21 -24.12
CA LEU B 35 -16.67 5.42 -23.05
C LEU B 35 -15.30 4.90 -23.46
N ALA B 36 -14.44 4.69 -22.47
CA ALA B 36 -13.11 4.15 -22.69
C ALA B 36 -12.67 3.42 -21.43
N PHE B 37 -11.93 2.33 -21.63
CA PHE B 37 -11.44 1.50 -20.53
C PHE B 37 -9.96 1.76 -20.33
N HIS B 38 -9.60 2.31 -19.17
CA HIS B 38 -8.21 2.47 -18.80
C HIS B 38 -7.69 1.16 -18.22
N ARG B 39 -6.45 0.81 -18.60
CA ARG B 39 -5.90 -0.47 -18.20
C ARG B 39 -5.78 -0.58 -16.68
N THR B 40 -5.31 0.48 -16.03
CA THR B 40 -5.03 0.44 -14.60
C THR B 40 -6.05 1.20 -13.76
N GLN B 41 -6.90 2.03 -14.37
CA GLN B 41 -7.81 2.88 -13.59
C GLN B 41 -9.27 2.72 -14.00
N GLY B 42 -9.59 1.78 -14.87
CA GLY B 42 -10.98 1.44 -15.13
C GLY B 42 -11.69 2.36 -16.10
N LEU B 43 -13.02 2.23 -16.09
CA LEU B 43 -13.87 2.94 -17.04
C LEU B 43 -13.91 4.44 -16.73
N MET B 44 -13.98 5.25 -17.79
CA MET B 44 -13.96 6.69 -17.65
C MET B 44 -14.48 7.33 -18.93
N ILE B 45 -15.01 8.55 -18.81
CA ILE B 45 -15.64 9.27 -19.90
C ILE B 45 -14.58 10.04 -20.67
N MET B 46 -14.73 10.07 -22.01
CA MET B 46 -13.80 10.77 -22.88
C MET B 46 -14.59 11.73 -23.78
N LYS B 47 -14.12 12.98 -23.86
CA LYS B 47 -14.68 13.97 -24.77
C LYS B 47 -13.62 14.36 -25.79
N THR B 48 -13.78 13.89 -27.02
CA THR B 48 -12.85 14.22 -28.09
C THR B 48 -13.17 15.59 -28.66
N VAL B 49 -12.16 16.45 -28.74
CA VAL B 49 -12.35 17.82 -29.20
C VAL B 49 -11.97 17.98 -30.67
N TYR B 50 -10.91 17.30 -31.10
CA TYR B 50 -10.54 17.30 -32.52
C TYR B 50 -9.91 15.98 -32.92
N ASN B 54 -3.17 20.40 -36.50
CA ASN B 54 -1.92 19.93 -35.89
C ASN B 54 -1.18 21.11 -35.26
N CYS B 55 -1.20 21.17 -33.93
CA CYS B 55 -0.63 22.29 -33.19
C CYS B 55 0.54 21.83 -32.34
N ILE B 56 1.52 22.71 -32.18
CA ILE B 56 2.67 22.47 -31.32
C ILE B 56 2.82 23.65 -30.36
N GLU B 57 2.63 24.87 -30.88
CA GLU B 57 2.75 26.07 -30.06
C GLU B 57 1.52 26.31 -29.20
N HIS B 58 0.38 25.69 -29.53
CA HIS B 58 -0.83 25.84 -28.74
C HIS B 58 -0.97 24.78 -27.65
N ASN B 59 -0.25 23.66 -27.76
CA ASN B 59 -0.36 22.60 -26.77
C ASN B 59 0.14 23.06 -25.41
N GLU B 60 1.06 24.03 -25.38
CA GLU B 60 1.57 24.53 -24.10
C GLU B 60 0.45 25.14 -23.27
N ALA B 61 -0.32 26.05 -23.87
CA ALA B 61 -1.42 26.69 -23.16
C ALA B 61 -2.55 25.70 -22.86
N LEU B 62 -2.74 24.71 -23.73
CA LEU B 62 -3.78 23.72 -23.48
C LEU B 62 -3.40 22.79 -22.32
N LEU B 63 -2.10 22.59 -22.08
CA LEU B 63 -1.67 21.69 -21.02
C LEU B 63 -1.81 22.34 -19.65
N GLU B 64 -1.35 23.59 -19.51
CA GLU B 64 -1.42 24.25 -18.21
C GLU B 64 -2.86 24.49 -17.78
N GLU B 65 -3.76 24.77 -18.73
CA GLU B 65 -5.17 24.90 -18.39
C GLU B 65 -5.73 23.59 -17.89
N ALA B 66 -5.37 22.48 -18.54
CA ALA B 66 -5.81 21.17 -18.08
C ALA B 66 -5.27 20.88 -16.68
N LYS B 67 -4.03 21.27 -16.40
CA LYS B 67 -3.48 21.11 -15.07
C LYS B 67 -4.16 22.07 -14.09
N MET B 68 -4.45 23.29 -14.55
CA MET B 68 -5.09 24.27 -13.68
C MET B 68 -6.50 23.86 -13.29
N MET B 69 -7.17 23.08 -14.14
CA MET B 69 -8.51 22.61 -13.82
C MET B 69 -8.50 21.28 -13.08
N ASN B 70 -7.34 20.60 -13.01
CA ASN B 70 -7.25 19.35 -12.30
C ASN B 70 -7.19 19.54 -10.79
N ARG B 71 -6.82 20.73 -10.31
CA ARG B 71 -6.76 21.01 -8.88
C ARG B 71 -8.13 21.26 -8.27
N LEU B 72 -9.20 21.23 -9.06
CA LEU B 72 -10.56 21.36 -8.54
C LEU B 72 -11.06 19.97 -8.17
N ARG B 73 -10.96 19.64 -6.89
CA ARG B 73 -11.27 18.30 -6.41
C ARG B 73 -12.25 18.40 -5.25
N HIS B 74 -13.42 17.78 -5.43
CA HIS B 74 -14.52 17.84 -4.48
C HIS B 74 -15.47 16.70 -4.83
N SER B 75 -16.18 16.20 -3.80
CA SER B 75 -17.05 15.06 -4.02
C SER B 75 -18.22 15.38 -4.94
N ARG B 76 -18.53 16.65 -5.16
CA ARG B 76 -19.66 17.05 -6.00
C ARG B 76 -19.22 17.71 -7.30
N VAL B 77 -17.96 17.59 -7.67
CA VAL B 77 -17.44 18.13 -8.92
C VAL B 77 -16.71 17.02 -9.65
N VAL B 78 -17.06 16.80 -10.92
CA VAL B 78 -16.37 15.78 -11.69
C VAL B 78 -14.90 16.14 -11.82
N LYS B 79 -14.04 15.12 -11.80
CA LYS B 79 -12.61 15.31 -11.83
C LYS B 79 -12.08 15.08 -13.24
N LEU B 80 -11.25 16.00 -13.71
CA LEU B 80 -10.52 15.82 -14.97
C LEU B 80 -9.38 14.86 -14.69
N LEU B 81 -9.55 13.60 -15.08
CA LEU B 81 -8.55 12.58 -14.77
C LEU B 81 -7.30 12.75 -15.62
N GLY B 82 -7.42 13.26 -16.83
CA GLY B 82 -6.26 13.47 -17.67
C GLY B 82 -6.67 13.98 -19.03
N VAL B 83 -5.65 14.20 -19.86
CA VAL B 83 -5.82 14.65 -21.23
C VAL B 83 -4.96 13.80 -22.14
N ILE B 84 -5.42 13.60 -23.37
CA ILE B 84 -4.62 12.96 -24.41
C ILE B 84 -4.31 14.00 -25.46
N ILE B 85 -3.02 14.29 -25.63
CA ILE B 85 -2.53 15.22 -26.63
C ILE B 85 -1.75 14.39 -27.64
N GLU B 86 -2.34 14.18 -28.81
CA GLU B 86 -1.74 13.34 -29.83
C GLU B 86 -1.46 14.15 -31.08
N GLU B 87 -1.34 13.48 -32.23
CA GLU B 87 -1.12 14.14 -33.51
C GLU B 87 -2.48 14.47 -34.10
N GLY B 88 -2.91 15.72 -33.95
CA GLY B 88 -4.20 16.15 -34.44
C GLY B 88 -5.39 15.56 -33.71
N LYS B 89 -5.18 14.96 -32.54
CA LYS B 89 -6.24 14.36 -31.75
C LYS B 89 -6.12 14.86 -30.32
N TYR B 90 -7.09 15.68 -29.89
CA TYR B 90 -7.10 16.25 -28.56
C TYR B 90 -8.41 15.88 -27.87
N SER B 91 -8.31 15.40 -26.63
CA SER B 91 -9.49 15.00 -25.89
C SER B 91 -9.26 15.16 -24.39
N LEU B 92 -10.35 15.20 -23.64
CA LEU B 92 -10.33 15.32 -22.20
C LEU B 92 -10.96 14.08 -21.59
N VAL B 93 -10.39 13.61 -20.47
CA VAL B 93 -10.83 12.38 -19.81
C VAL B 93 -11.30 12.74 -18.41
N MET B 94 -12.47 12.23 -18.03
CA MET B 94 -13.07 12.54 -16.74
C MET B 94 -13.71 11.28 -16.17
N GLU B 95 -14.30 11.41 -14.99
CA GLU B 95 -14.90 10.28 -14.30
C GLU B 95 -16.16 9.81 -15.03
N TYR B 96 -16.51 8.55 -14.79
CA TYR B 96 -17.70 7.96 -15.39
C TYR B 96 -18.90 8.12 -14.45
N MET B 97 -20.03 8.52 -15.02
CA MET B 97 -21.29 8.62 -14.29
C MET B 97 -22.32 7.77 -15.02
N GLU B 98 -22.85 6.77 -14.32
CA GLU B 98 -23.60 5.70 -14.98
C GLU B 98 -25.01 6.13 -15.40
N LYS B 99 -25.68 6.97 -14.59
CA LYS B 99 -27.06 7.29 -14.85
C LYS B 99 -27.24 8.29 -15.99
N GLY B 100 -26.30 9.22 -16.14
CA GLY B 100 -26.43 10.29 -17.10
C GLY B 100 -26.56 11.65 -16.42
N ASN B 101 -27.16 12.58 -17.15
CA ASN B 101 -27.37 13.91 -16.61
C ASN B 101 -28.69 13.99 -15.86
N LEU B 102 -28.89 15.11 -15.17
CA LEU B 102 -30.05 15.25 -14.28
C LEU B 102 -31.36 15.24 -15.06
N MET B 103 -31.39 15.88 -16.24
CA MET B 103 -32.63 15.92 -17.00
C MET B 103 -33.01 14.53 -17.50
N HIS B 104 -32.01 13.70 -17.83
CA HIS B 104 -32.30 12.33 -18.24
C HIS B 104 -32.91 11.53 -17.10
N VAL B 105 -32.47 11.79 -15.87
CA VAL B 105 -33.00 11.06 -14.71
C VAL B 105 -34.39 11.56 -14.36
N LEU B 106 -34.62 12.87 -14.44
CA LEU B 106 -35.93 13.42 -14.09
C LEU B 106 -37.00 12.96 -15.05
N LYS B 107 -36.66 12.81 -16.34
CA LYS B 107 -37.65 12.48 -17.35
C LYS B 107 -37.87 10.98 -17.50
N ALA B 108 -36.82 10.18 -17.36
CA ALA B 108 -36.94 8.73 -17.50
C ALA B 108 -37.71 8.13 -16.32
N SER B 111 -39.92 7.64 -11.10
CA SER B 111 -40.22 8.75 -10.20
C SER B 111 -39.11 8.92 -9.16
N THR B 112 -38.76 10.17 -8.87
CA THR B 112 -37.68 10.49 -7.95
C THR B 112 -38.24 11.03 -6.65
N PRO B 113 -37.83 10.47 -5.51
CA PRO B 113 -38.43 10.89 -4.23
C PRO B 113 -38.06 12.32 -3.86
N LEU B 114 -38.98 12.96 -3.12
CA LEU B 114 -38.73 14.32 -2.63
C LEU B 114 -37.47 14.37 -1.77
N SER B 115 -37.22 13.32 -1.00
CA SER B 115 -36.00 13.27 -0.20
C SER B 115 -34.75 13.22 -1.08
N VAL B 116 -34.82 12.51 -2.20
CA VAL B 116 -33.66 12.42 -3.10
C VAL B 116 -33.44 13.75 -3.80
N LYS B 117 -34.53 14.36 -4.29
CA LYS B 117 -34.41 15.66 -4.94
C LYS B 117 -33.84 16.70 -3.99
N GLY B 118 -34.26 16.67 -2.73
CA GLY B 118 -33.70 17.60 -1.76
C GLY B 118 -32.23 17.37 -1.52
N ARG B 119 -31.79 16.11 -1.55
CA ARG B 119 -30.37 15.81 -1.42
C ARG B 119 -29.59 16.29 -2.64
N ILE B 120 -30.16 16.11 -3.83
CA ILE B 120 -29.50 16.58 -5.06
C ILE B 120 -29.32 18.08 -5.01
N ILE B 121 -30.34 18.81 -4.56
CA ILE B 121 -30.26 20.26 -4.44
C ILE B 121 -29.13 20.65 -3.49
N LEU B 122 -29.04 19.97 -2.34
CA LEU B 122 -27.97 20.27 -1.39
C LEU B 122 -26.60 19.98 -1.98
N GLU B 123 -26.49 18.91 -2.76
CA GLU B 123 -25.21 18.57 -3.36
C GLU B 123 -24.83 19.54 -4.48
N ILE B 124 -25.83 20.11 -5.16
CA ILE B 124 -25.55 21.16 -6.14
C ILE B 124 -25.05 22.41 -5.43
N ILE B 125 -25.67 22.76 -4.30
CA ILE B 125 -25.24 23.93 -3.54
C ILE B 125 -23.81 23.75 -3.04
N GLU B 126 -23.49 22.55 -2.54
CA GLU B 126 -22.15 22.31 -2.03
C GLU B 126 -21.11 22.41 -3.14
N GLY B 127 -21.38 21.81 -4.29
CA GLY B 127 -20.43 21.86 -5.39
C GLY B 127 -20.21 23.26 -5.92
N MET B 128 -21.28 24.06 -5.99
CA MET B 128 -21.14 25.42 -6.49
C MET B 128 -20.47 26.34 -5.47
N ALA B 129 -20.65 26.05 -4.18
CA ALA B 129 -19.95 26.82 -3.15
C ALA B 129 -18.46 26.55 -3.18
N TYR B 130 -18.08 25.31 -3.45
CA TYR B 130 -16.66 24.97 -3.56
C TYR B 130 -16.02 25.68 -4.74
N LEU B 131 -16.66 25.60 -5.91
CA LEU B 131 -16.11 26.22 -7.11
C LEU B 131 -15.98 27.74 -6.93
N HIS B 132 -16.95 28.35 -6.25
CA HIS B 132 -16.89 29.79 -6.03
C HIS B 132 -15.83 30.16 -5.00
N GLY B 133 -15.59 29.28 -4.02
CA GLY B 133 -14.52 29.51 -3.07
C GLY B 133 -13.15 29.42 -3.70
N LYS B 134 -13.02 28.65 -4.78
CA LYS B 134 -11.79 28.55 -5.54
C LYS B 134 -11.69 29.58 -6.66
N GLY B 135 -12.59 30.56 -6.67
CA GLY B 135 -12.54 31.61 -7.68
C GLY B 135 -13.02 31.20 -9.05
N VAL B 136 -13.79 30.12 -9.16
CA VAL B 136 -14.27 29.61 -10.44
C VAL B 136 -15.75 29.91 -10.56
N ILE B 137 -16.13 30.57 -11.66
CA ILE B 137 -17.52 30.82 -12.00
C ILE B 137 -17.88 29.88 -13.13
N HIS B 138 -18.94 29.08 -12.93
CA HIS B 138 -19.25 28.02 -13.88
C HIS B 138 -19.71 28.58 -15.22
N LYS B 139 -20.68 29.50 -15.19
CA LYS B 139 -21.21 30.29 -16.29
C LYS B 139 -22.21 29.50 -17.16
N ASP B 140 -22.34 28.18 -16.99
CA ASP B 140 -23.25 27.39 -17.82
C ASP B 140 -23.89 26.28 -16.99
N LEU B 141 -24.32 26.59 -15.79
CA LEU B 141 -24.96 25.59 -14.93
C LEU B 141 -26.33 25.23 -15.50
N LYS B 142 -26.51 23.96 -15.84
CA LYS B 142 -27.77 23.46 -16.38
C LYS B 142 -27.84 21.96 -16.12
N PRO B 143 -29.04 21.38 -16.17
CA PRO B 143 -29.17 19.93 -15.86
C PRO B 143 -28.30 19.04 -16.72
N GLU B 144 -27.97 19.47 -17.95
CA GLU B 144 -27.07 18.67 -18.78
C GLU B 144 -25.65 18.64 -18.23
N ASN B 145 -25.31 19.56 -17.34
CA ASN B 145 -23.99 19.61 -16.72
C ASN B 145 -23.99 19.03 -15.31
N ILE B 146 -25.10 18.46 -14.88
CA ILE B 146 -25.21 17.81 -13.57
C ILE B 146 -25.35 16.32 -13.83
N LEU B 147 -24.31 15.56 -13.53
CA LEU B 147 -24.27 14.12 -13.81
C LEU B 147 -24.62 13.33 -12.56
N VAL B 148 -25.22 12.16 -12.77
CA VAL B 148 -25.72 11.32 -11.68
C VAL B 148 -25.09 9.94 -11.78
N ASP B 149 -24.88 9.31 -10.62
CA ASP B 149 -24.47 7.92 -10.54
C ASP B 149 -25.61 7.09 -9.95
N ASN B 150 -25.35 5.78 -9.79
CA ASN B 150 -26.42 4.85 -9.41
C ASN B 150 -26.96 5.13 -8.02
N ASP B 151 -26.14 5.69 -7.13
CA ASP B 151 -26.59 6.06 -5.79
C ASP B 151 -27.29 7.40 -5.76
N PHE B 152 -27.63 7.97 -6.92
CA PHE B 152 -28.31 9.26 -7.04
C PHE B 152 -27.50 10.38 -6.40
N HIS B 153 -26.19 10.22 -6.34
CA HIS B 153 -25.29 11.31 -6.01
C HIS B 153 -24.87 12.03 -7.28
N ILE B 154 -24.75 13.35 -7.20
CA ILE B 154 -24.52 14.15 -8.38
C ILE B 154 -23.09 14.72 -8.35
N LYS B 155 -22.66 15.18 -9.53
CA LYS B 155 -21.38 15.86 -9.68
C LYS B 155 -21.50 16.86 -10.82
N ILE B 156 -21.03 18.09 -10.59
CA ILE B 156 -21.14 19.14 -11.58
C ILE B 156 -20.01 19.01 -12.60
N ALA B 157 -20.35 19.17 -13.87
CA ALA B 157 -19.40 19.07 -14.96
C ALA B 157 -19.47 20.33 -15.82
N ASP B 158 -18.47 20.48 -16.70
CA ASP B 158 -18.36 21.63 -17.61
C ASP B 158 -18.27 21.13 -19.05
N LEU B 159 -19.34 20.47 -19.50
CA LEU B 159 -19.30 19.78 -20.79
C LEU B 159 -19.26 20.75 -21.96
N GLY B 160 -19.75 21.98 -21.79
CA GLY B 160 -19.64 22.98 -22.81
C GLY B 160 -18.30 23.67 -22.88
N LEU B 161 -17.37 23.30 -21.99
CA LEU B 161 -16.03 23.90 -21.94
C LEU B 161 -16.10 25.41 -21.70
N ALA B 162 -17.07 25.82 -20.89
CA ALA B 162 -17.22 27.24 -20.56
C ALA B 162 -16.04 27.75 -19.74
N SER B 163 -15.48 26.91 -18.88
CA SER B 163 -14.30 27.26 -18.10
C SER B 163 -13.00 26.79 -18.75
N PHE B 164 -13.08 26.21 -19.94
CA PHE B 164 -11.91 25.71 -20.67
C PHE B 164 -11.75 26.59 -21.90
N LYS B 165 -11.17 27.78 -21.71
CA LYS B 165 -11.12 28.78 -22.77
C LYS B 165 -10.31 28.28 -23.96
N MET B 166 -9.10 27.81 -23.72
CA MET B 166 -8.26 27.33 -24.82
C MET B 166 -8.85 26.06 -25.45
N TRP B 167 -9.45 25.20 -24.63
CA TRP B 167 -10.03 23.97 -25.15
C TRP B 167 -11.31 24.24 -25.94
N SER B 168 -12.07 25.27 -25.56
CA SER B 168 -13.26 25.63 -26.32
C SER B 168 -12.91 26.34 -27.62
N LYS B 169 -11.80 27.09 -27.64
CA LYS B 169 -11.34 27.69 -28.89
C LYS B 169 -10.99 26.63 -29.91
N LEU B 170 -10.36 25.53 -29.47
CA LEU B 170 -10.11 24.41 -30.37
C LEU B 170 -11.43 23.75 -30.78
N ASN B 171 -12.45 23.80 -29.93
CA ASN B 171 -13.79 23.32 -30.23
C ASN B 171 -14.47 24.22 -31.26
N ASN B 172 -13.81 25.31 -31.67
CA ASN B 172 -14.34 26.20 -32.70
C ASN B 172 -13.29 26.58 -33.76
N THR B 191 -28.28 26.90 -24.77
CA THR B 191 -29.58 27.21 -24.19
C THR B 191 -29.51 28.46 -23.29
N LEU B 192 -30.35 29.44 -23.61
CA LEU B 192 -30.44 30.66 -22.83
C LEU B 192 -31.49 30.59 -21.72
N TYR B 193 -32.10 29.42 -21.52
CA TYR B 193 -33.13 29.28 -20.51
C TYR B 193 -32.58 29.51 -19.11
N TYR B 194 -31.32 29.16 -18.88
CA TYR B 194 -30.71 29.24 -17.56
C TYR B 194 -29.76 30.42 -17.41
N MET B 195 -29.69 31.30 -18.41
CA MET B 195 -28.76 32.42 -18.39
C MET B 195 -29.40 33.61 -17.69
N ALA B 196 -28.62 34.26 -16.82
CA ALA B 196 -29.10 35.43 -16.11
C ALA B 196 -29.42 36.55 -17.10
N PRO B 197 -30.45 37.37 -16.82
CA PRO B 197 -30.87 38.38 -17.79
C PRO B 197 -29.81 39.44 -18.07
N GLU B 198 -28.90 39.69 -17.13
CA GLU B 198 -27.85 40.68 -17.39
C GLU B 198 -26.89 40.23 -18.47
N HIS B 199 -26.82 38.94 -18.78
CA HIS B 199 -25.97 38.43 -19.83
C HIS B 199 -26.70 38.24 -21.16
N LEU B 200 -28.03 38.28 -21.17
CA LEU B 200 -28.77 38.26 -22.41
C LEU B 200 -28.65 39.61 -23.12
N ASN B 201 -28.29 39.57 -24.39
CA ASN B 201 -28.09 40.75 -25.24
C ASN B 201 -26.95 41.64 -24.76
N ASP B 202 -26.14 41.18 -23.81
CA ASP B 202 -24.98 41.93 -23.33
C ASP B 202 -23.91 40.92 -22.94
N VAL B 203 -22.93 40.72 -23.82
CA VAL B 203 -21.89 39.72 -23.59
C VAL B 203 -20.63 40.32 -22.96
N ASN B 204 -20.57 41.63 -22.78
CA ASN B 204 -19.37 42.26 -22.23
C ASN B 204 -19.35 42.27 -20.72
N ALA B 205 -20.50 42.10 -20.06
CA ALA B 205 -20.51 42.04 -18.61
C ALA B 205 -19.84 40.75 -18.13
N LYS B 206 -18.91 40.88 -17.19
CA LYS B 206 -18.20 39.73 -16.67
C LYS B 206 -19.11 38.91 -15.76
N PRO B 207 -19.32 37.63 -16.03
CA PRO B 207 -20.18 36.82 -15.15
C PRO B 207 -19.58 36.70 -13.75
N THR B 208 -20.44 36.78 -12.75
CA THR B 208 -20.04 36.72 -11.35
C THR B 208 -20.69 35.52 -10.69
N GLU B 209 -20.53 35.42 -9.37
CA GLU B 209 -21.16 34.34 -8.62
C GLU B 209 -22.68 34.42 -8.70
N LYS B 210 -23.23 35.62 -8.77
CA LYS B 210 -24.68 35.78 -8.87
C LYS B 210 -25.22 35.35 -10.22
N SER B 211 -24.36 35.19 -11.22
CA SER B 211 -24.80 34.61 -12.49
C SER B 211 -25.10 33.12 -12.32
N ASP B 212 -24.23 32.40 -11.62
CA ASP B 212 -24.48 30.99 -11.35
C ASP B 212 -25.70 30.80 -10.46
N VAL B 213 -25.97 31.76 -9.56
CA VAL B 213 -27.10 31.64 -8.66
C VAL B 213 -28.41 31.69 -9.43
N TYR B 214 -28.48 32.53 -10.46
CA TYR B 214 -29.69 32.58 -11.29
C TYR B 214 -29.92 31.24 -11.98
N SER B 215 -28.87 30.68 -12.60
CA SER B 215 -28.99 29.38 -13.24
C SER B 215 -29.44 28.32 -12.25
N PHE B 216 -28.97 28.40 -11.01
CA PHE B 216 -29.39 27.47 -9.97
C PHE B 216 -30.88 27.59 -9.70
N ALA B 217 -31.45 28.79 -9.85
CA ALA B 217 -32.88 28.96 -9.64
C ALA B 217 -33.69 28.19 -10.69
N VAL B 218 -33.26 28.28 -11.96
CA VAL B 218 -33.99 27.58 -13.01
C VAL B 218 -33.79 26.08 -12.91
N VAL B 219 -32.62 25.64 -12.43
CA VAL B 219 -32.42 24.22 -12.19
C VAL B 219 -33.34 23.72 -11.09
N LEU B 220 -33.53 24.52 -10.04
CA LEU B 220 -34.49 24.19 -8.99
C LEU B 220 -35.87 23.96 -9.58
N TRP B 221 -36.30 24.83 -10.49
CA TRP B 221 -37.60 24.68 -11.12
C TRP B 221 -37.68 23.40 -11.95
N ALA B 222 -36.61 23.09 -12.71
CA ALA B 222 -36.63 21.91 -13.56
C ALA B 222 -36.63 20.62 -12.73
N ILE B 223 -36.11 20.67 -11.51
CA ILE B 223 -36.08 19.48 -10.67
C ILE B 223 -37.49 19.10 -10.23
N PHE B 224 -38.32 20.09 -9.91
CA PHE B 224 -39.68 19.84 -9.45
C PHE B 224 -40.71 19.83 -10.55
N ALA B 225 -40.44 20.49 -11.68
CA ALA B 225 -41.30 20.40 -12.84
C ALA B 225 -40.97 19.19 -13.71
N ASN B 226 -39.82 18.55 -13.49
CA ASN B 226 -39.39 17.37 -14.25
C ASN B 226 -39.36 17.64 -15.75
N LYS B 227 -39.14 18.90 -16.13
CA LYS B 227 -39.17 19.29 -17.52
C LYS B 227 -38.24 20.48 -17.73
N GLU B 228 -37.86 20.71 -18.99
CA GLU B 228 -37.12 21.89 -19.32
C GLU B 228 -38.07 23.09 -19.43
N PRO B 229 -37.58 24.30 -19.16
CA PRO B 229 -38.49 25.44 -19.05
C PRO B 229 -38.87 26.06 -20.39
N TYR B 230 -39.92 26.87 -20.35
CA TYR B 230 -40.37 27.72 -21.46
C TYR B 230 -40.87 26.92 -22.66
N GLU B 231 -41.55 25.79 -22.39
CA GLU B 231 -42.35 25.05 -23.36
C GLU B 231 -41.60 24.73 -24.67
N ASN B 232 -40.26 24.75 -24.63
CA ASN B 232 -39.41 24.58 -25.82
C ASN B 232 -39.57 25.71 -26.82
N ALA B 233 -39.93 26.90 -26.35
CA ALA B 233 -40.06 28.04 -27.24
C ALA B 233 -38.71 28.42 -27.82
N ILE B 234 -38.74 29.01 -29.01
CA ILE B 234 -37.50 29.42 -29.67
C ILE B 234 -36.76 30.43 -28.80
N ALA B 235 -35.44 30.28 -28.74
CA ALA B 235 -34.60 31.13 -27.90
C ALA B 235 -34.11 32.35 -28.68
N GLU B 236 -35.07 33.16 -29.12
CA GLU B 236 -34.76 34.38 -29.86
C GLU B 236 -35.19 35.62 -29.09
N GLN B 237 -35.37 36.74 -29.81
CA GLN B 237 -35.56 38.02 -29.14
C GLN B 237 -36.86 38.07 -28.35
N GLN B 238 -37.93 37.44 -28.87
CA GLN B 238 -39.21 37.47 -28.19
C GLN B 238 -39.10 36.86 -26.79
N LEU B 239 -38.53 35.66 -26.69
CA LEU B 239 -38.35 35.04 -25.39
C LEU B 239 -37.34 35.80 -24.55
N ILE B 240 -36.27 36.30 -25.18
CA ILE B 240 -35.23 37.02 -24.45
C ILE B 240 -35.80 38.31 -23.86
N MET B 241 -36.51 39.09 -24.69
CA MET B 241 -37.09 40.34 -24.21
C MET B 241 -38.11 40.09 -23.10
N ALA B 242 -38.81 38.96 -23.16
CA ALA B 242 -39.72 38.60 -22.07
C ALA B 242 -38.95 38.34 -20.79
N ILE B 243 -37.86 37.57 -20.87
CA ILE B 243 -37.06 37.28 -19.69
C ILE B 243 -36.40 38.55 -19.17
N LYS B 244 -35.91 39.40 -20.07
CA LYS B 244 -35.30 40.66 -19.65
C LYS B 244 -36.30 41.61 -19.02
N SER B 245 -37.60 41.41 -19.28
CA SER B 245 -38.64 42.24 -18.70
C SER B 245 -39.28 41.60 -17.47
N GLY B 246 -38.92 40.36 -17.13
CA GLY B 246 -39.39 39.77 -15.90
C GLY B 246 -39.98 38.37 -16.01
N ASN B 247 -40.13 37.87 -17.23
CA ASN B 247 -40.72 36.56 -17.42
C ASN B 247 -39.81 35.48 -16.86
N ARG B 248 -40.40 34.55 -16.13
CA ARG B 248 -39.71 33.45 -15.46
C ARG B 248 -40.45 32.16 -15.76
N PRO B 249 -39.83 31.01 -15.52
CA PRO B 249 -40.55 29.74 -15.72
C PRO B 249 -41.80 29.68 -14.85
N ASP B 250 -42.85 29.07 -15.41
CA ASP B 250 -44.17 29.07 -14.76
C ASP B 250 -44.12 28.23 -13.50
N VAL B 251 -44.26 28.89 -12.35
CA VAL B 251 -44.31 28.17 -11.07
C VAL B 251 -45.59 27.35 -10.98
N ASP B 252 -46.71 27.89 -11.48
CA ASP B 252 -47.96 27.13 -11.50
C ASP B 252 -47.87 25.88 -12.35
N ASP B 253 -46.85 25.78 -13.22
CA ASP B 253 -46.64 24.60 -14.04
C ASP B 253 -45.96 23.46 -13.28
N ILE B 254 -45.84 23.58 -11.97
CA ILE B 254 -45.27 22.52 -11.14
C ILE B 254 -46.44 21.76 -10.53
N THR B 255 -46.79 20.63 -11.13
CA THR B 255 -47.88 19.81 -10.61
C THR B 255 -47.44 19.04 -9.37
N GLU B 256 -46.18 18.64 -9.30
CA GLU B 256 -45.66 17.93 -8.14
C GLU B 256 -45.67 18.85 -6.92
N TYR B 257 -45.79 18.25 -5.74
CA TYR B 257 -45.68 19.01 -4.50
C TYR B 257 -44.28 19.61 -4.39
N CYS B 258 -44.23 20.91 -4.14
CA CYS B 258 -42.96 21.62 -3.95
C CYS B 258 -43.05 22.39 -2.64
N PRO B 259 -42.17 22.10 -1.67
CA PRO B 259 -42.21 22.85 -0.41
C PRO B 259 -42.09 24.34 -0.63
N ARG B 260 -42.78 25.11 0.23
CA ARG B 260 -42.86 26.56 0.08
C ARG B 260 -41.50 27.22 0.23
N GLU B 261 -40.63 26.68 1.08
CA GLU B 261 -39.30 27.24 1.25
C GLU B 261 -38.48 27.10 -0.02
N ILE B 262 -38.75 26.08 -0.83
CA ILE B 262 -38.05 25.91 -2.10
C ILE B 262 -38.61 26.85 -3.15
N ILE B 263 -39.92 27.08 -3.14
CA ILE B 263 -40.50 28.08 -4.04
C ILE B 263 -39.98 29.47 -3.70
N SER B 264 -39.90 29.78 -2.40
CA SER B 264 -39.36 31.08 -1.99
C SER B 264 -37.91 31.22 -2.39
N LEU B 265 -37.11 30.17 -2.20
CA LEU B 265 -35.71 30.18 -2.64
C LEU B 265 -35.63 30.34 -4.16
N MET B 266 -36.55 29.70 -4.87
CA MET B 266 -36.57 29.78 -6.33
C MET B 266 -36.71 31.22 -6.81
N LYS B 267 -37.69 31.93 -6.27
CA LYS B 267 -37.95 33.30 -6.71
C LYS B 267 -36.86 34.26 -6.25
N LEU B 268 -36.25 34.00 -5.09
CA LEU B 268 -35.18 34.86 -4.61
C LEU B 268 -33.94 34.76 -5.48
N CYS B 269 -33.68 33.58 -6.05
CA CYS B 269 -32.45 33.36 -6.78
C CYS B 269 -32.53 33.77 -8.24
N TRP B 270 -33.73 33.92 -8.82
CA TRP B 270 -33.86 34.46 -10.16
C TRP B 270 -34.36 35.91 -10.14
N GLU B 271 -34.04 36.64 -9.09
CA GLU B 271 -34.34 38.06 -9.04
C GLU B 271 -33.57 38.80 -10.12
N ALA B 272 -34.19 39.83 -10.69
CA ALA B 272 -33.56 40.58 -11.77
C ALA B 272 -32.29 41.29 -11.30
N ASN B 273 -32.30 41.80 -10.08
CA ASN B 273 -31.12 42.47 -9.53
C ASN B 273 -30.16 41.44 -8.97
N PRO B 274 -28.93 41.35 -9.48
CA PRO B 274 -27.97 40.36 -8.94
C PRO B 274 -27.66 40.57 -7.46
N GLU B 275 -27.78 41.79 -6.96
CA GLU B 275 -27.50 42.04 -5.56
C GLU B 275 -28.54 41.40 -4.64
N ALA B 276 -29.77 41.25 -5.13
CA ALA B 276 -30.84 40.64 -4.34
C ALA B 276 -30.69 39.13 -4.22
N ARG B 277 -29.92 38.50 -5.11
CA ARG B 277 -29.72 37.06 -5.05
C ARG B 277 -28.74 36.71 -3.91
N PRO B 278 -28.96 35.58 -3.26
CA PRO B 278 -28.05 35.15 -2.20
C PRO B 278 -26.82 34.46 -2.76
N THR B 279 -25.82 34.32 -1.90
CA THR B 279 -24.65 33.53 -2.26
C THR B 279 -24.92 32.05 -1.97
N PHE B 280 -24.13 31.19 -2.60
CA PHE B 280 -24.27 29.75 -2.36
C PHE B 280 -23.99 29.37 -0.91
N PRO B 281 -23.00 29.94 -0.21
CA PRO B 281 -22.92 29.71 1.24
C PRO B 281 -24.14 30.22 1.99
N GLY B 282 -24.74 31.32 1.52
CA GLY B 282 -25.96 31.82 2.15
C GLY B 282 -27.16 30.92 1.89
N ILE B 283 -27.23 30.31 0.71
CA ILE B 283 -28.29 29.35 0.44
C ILE B 283 -28.11 28.11 1.30
N GLU B 284 -26.87 27.68 1.50
CA GLU B 284 -26.61 26.50 2.32
C GLU B 284 -27.01 26.73 3.77
N GLU B 285 -26.77 27.94 4.29
CA GLU B 285 -27.11 28.23 5.68
C GLU B 285 -28.60 28.08 5.94
N LYS B 286 -29.44 28.31 4.92
CA LYS B 286 -30.89 28.26 5.07
C LYS B 286 -31.48 26.94 4.60
N PHE B 287 -30.93 26.33 3.56
CA PHE B 287 -31.51 25.12 2.99
C PHE B 287 -31.11 23.88 3.77
N ARG B 288 -29.86 23.80 4.21
CA ARG B 288 -29.39 22.60 4.92
C ARG B 288 -30.20 22.31 6.17
N PRO B 289 -30.50 23.27 7.06
CA PRO B 289 -31.38 22.95 8.18
C PRO B 289 -32.79 22.56 7.75
N PHE B 290 -33.30 23.15 6.67
CA PHE B 290 -34.63 22.78 6.19
C PHE B 290 -34.63 21.38 5.59
N TYR B 291 -33.53 20.96 4.97
CA TYR B 291 -33.48 19.64 4.35
C TYR B 291 -33.48 18.54 5.41
N LEU B 292 -32.65 18.69 6.44
CA LEU B 292 -32.52 17.64 7.45
C LEU B 292 -33.79 17.51 8.28
N SER B 293 -34.44 18.63 8.60
CA SER B 293 -35.58 18.61 9.50
C SER B 293 -36.86 18.15 8.83
N GLN B 294 -36.99 18.36 7.51
CA GLN B 294 -38.26 18.12 6.84
C GLN B 294 -38.16 17.25 5.58
N LEU B 295 -36.99 17.09 4.98
CA LEU B 295 -36.85 16.30 3.76
C LEU B 295 -36.08 15.00 3.95
N GLU B 296 -35.03 15.00 4.76
CA GLU B 296 -34.26 13.78 4.99
C GLU B 296 -35.05 12.79 5.83
N SER C 8 17.08 3.13 14.47
CA SER C 8 15.83 3.85 14.33
C SER C 8 15.75 4.54 12.97
N LEU C 9 16.44 3.99 11.99
CA LEU C 9 16.51 4.57 10.65
C LEU C 9 16.11 3.52 9.62
N ASN C 10 14.86 3.57 9.19
CA ASN C 10 14.33 2.72 8.13
C ASN C 10 14.02 3.60 6.91
N VAL C 11 13.12 3.14 6.05
CA VAL C 11 12.63 3.93 4.93
C VAL C 11 11.37 4.64 5.35
N ILE C 12 11.34 5.95 5.16
CA ILE C 12 10.21 6.79 5.57
C ILE C 12 9.39 7.12 4.33
N LYS C 13 8.10 6.79 4.36
CA LYS C 13 7.19 7.26 3.32
C LYS C 13 7.01 8.77 3.48
N MET C 14 7.38 9.52 2.45
CA MET C 14 7.46 10.96 2.53
C MET C 14 6.36 11.62 1.72
N LYS C 15 6.11 12.89 2.04
CA LYS C 15 5.18 13.73 1.31
C LYS C 15 5.93 14.85 0.61
N SER C 16 5.32 15.37 -0.46
CA SER C 16 5.95 16.48 -1.17
C SER C 16 6.00 17.73 -0.31
N SER C 17 5.01 17.92 0.58
CA SER C 17 5.02 19.07 1.47
C SER C 17 6.22 19.07 2.41
N ASP C 18 6.88 17.93 2.59
CA ASP C 18 8.12 17.88 3.35
C ASP C 18 9.26 18.62 2.67
N PHE C 19 9.14 18.87 1.37
CA PHE C 19 10.21 19.48 0.58
C PHE C 19 9.76 20.83 0.04
N LEU C 20 10.68 21.78 0.03
CA LEU C 20 10.42 23.10 -0.53
C LEU C 20 11.65 23.62 -1.25
N VAL C 33 17.42 12.50 -11.95
CA VAL C 33 17.92 12.81 -10.63
C VAL C 33 17.92 14.34 -10.41
N SER C 34 17.27 14.76 -9.33
CA SER C 34 17.16 16.17 -9.01
C SER C 34 17.39 16.38 -7.51
N LEU C 35 17.70 17.61 -7.15
CA LEU C 35 17.99 17.98 -5.77
C LEU C 35 16.73 18.52 -5.09
N ALA C 36 16.61 18.23 -3.80
CA ALA C 36 15.48 18.68 -3.00
C ALA C 36 15.95 19.02 -1.60
N PHE C 37 15.15 19.80 -0.88
CA PHE C 37 15.49 20.25 0.46
C PHE C 37 14.39 19.82 1.42
N HIS C 38 14.67 18.81 2.23
CA HIS C 38 13.76 18.39 3.28
C HIS C 38 13.81 19.39 4.43
N ARG C 39 12.62 19.77 4.94
CA ARG C 39 12.55 20.83 5.94
C ARG C 39 13.37 20.48 7.18
N THR C 40 13.29 19.24 7.64
CA THR C 40 13.96 18.83 8.88
C THR C 40 15.30 18.15 8.62
N GLN C 41 15.39 17.30 7.60
CA GLN C 41 16.60 16.52 7.36
C GLN C 41 17.63 17.21 6.49
N GLY C 42 17.29 18.36 5.91
CA GLY C 42 18.27 19.13 5.15
C GLY C 42 18.24 18.79 3.67
N LEU C 43 19.42 18.53 3.11
CA LEU C 43 19.59 18.34 1.68
C LEU C 43 19.65 16.86 1.33
N MET C 44 18.95 16.48 0.27
CA MET C 44 18.95 15.10 -0.21
C MET C 44 18.61 15.08 -1.68
N ILE C 45 18.96 13.97 -2.33
CA ILE C 45 18.77 13.80 -3.77
C ILE C 45 17.51 12.98 -4.01
N MET C 46 16.87 13.23 -5.16
CA MET C 46 15.60 12.60 -5.50
C MET C 46 15.63 12.10 -6.92
N LYS C 47 15.11 10.88 -7.13
CA LYS C 47 14.87 10.32 -8.46
C LYS C 47 13.37 10.18 -8.62
N THR C 48 12.77 11.09 -9.37
CA THR C 48 11.32 11.19 -9.50
C THR C 48 10.85 10.79 -10.88
N VAL C 49 9.59 10.40 -10.97
CA VAL C 49 8.93 10.16 -12.24
C VAL C 49 7.49 10.66 -12.12
N TYR C 50 7.16 11.70 -12.88
CA TYR C 50 5.80 12.19 -12.97
C TYR C 50 5.05 11.37 -14.01
N LYS C 51 3.93 10.77 -13.60
CA LYS C 51 3.17 9.90 -14.50
C LYS C 51 1.71 9.95 -14.12
N GLY C 52 0.87 9.35 -14.97
CA GLY C 52 -0.51 9.15 -14.66
C GLY C 52 -0.67 8.34 -13.39
N PRO C 53 -1.74 8.60 -12.64
CA PRO C 53 -1.90 7.96 -11.33
C PRO C 53 -1.90 6.45 -11.42
N ASN C 54 -1.15 5.82 -10.51
CA ASN C 54 -1.08 4.37 -10.42
C ASN C 54 -2.21 3.85 -9.54
N CYS C 55 -2.53 2.57 -9.72
CA CYS C 55 -3.52 1.94 -8.86
C CYS C 55 -2.95 1.72 -7.47
N ILE C 56 -3.84 1.51 -6.51
CA ILE C 56 -3.41 1.31 -5.13
C ILE C 56 -2.60 0.03 -5.00
N GLU C 57 -2.91 -0.99 -5.81
CA GLU C 57 -2.14 -2.22 -5.79
C GLU C 57 -0.70 -1.98 -6.25
N HIS C 58 -0.54 -1.23 -7.34
CA HIS C 58 0.80 -0.88 -7.81
C HIS C 58 1.56 -0.06 -6.78
N ASN C 59 0.86 0.82 -6.08
CA ASN C 59 1.51 1.71 -5.12
C ASN C 59 2.05 0.96 -3.92
N GLU C 60 1.38 -0.10 -3.48
CA GLU C 60 1.87 -0.86 -2.34
C GLU C 60 3.03 -1.77 -2.75
N ALA C 61 3.00 -2.31 -3.97
CA ALA C 61 4.10 -3.12 -4.45
C ALA C 61 5.38 -2.30 -4.57
N LEU C 62 5.25 -1.04 -5.02
CA LEU C 62 6.41 -0.16 -5.08
C LEU C 62 6.97 0.13 -3.70
N LEU C 63 6.10 0.19 -2.69
CA LEU C 63 6.57 0.44 -1.33
C LEU C 63 7.29 -0.77 -0.76
N GLU C 64 6.79 -1.98 -1.07
CA GLU C 64 7.46 -3.19 -0.61
C GLU C 64 8.85 -3.32 -1.21
N GLU C 65 8.99 -3.01 -2.51
CA GLU C 65 10.29 -3.09 -3.16
C GLU C 65 11.29 -2.14 -2.52
N ALA C 66 10.84 -0.95 -2.12
CA ALA C 66 11.73 -0.01 -1.47
C ALA C 66 12.21 -0.54 -0.13
N LYS C 67 11.30 -1.10 0.65
CA LYS C 67 11.67 -1.64 1.97
C LYS C 67 12.61 -2.83 1.84
N MET C 68 12.46 -3.62 0.77
CA MET C 68 13.35 -4.76 0.58
C MET C 68 14.75 -4.31 0.20
N MET C 69 14.87 -3.32 -0.69
CA MET C 69 16.19 -2.84 -1.10
C MET C 69 16.85 -2.05 0.01
N ASN C 70 16.06 -1.46 0.91
CA ASN C 70 16.60 -0.69 2.02
C ASN C 70 17.40 -1.54 2.99
N ARG C 71 17.21 -2.87 2.97
CA ARG C 71 17.94 -3.75 3.87
C ARG C 71 19.44 -3.74 3.63
N LEU C 72 19.88 -3.25 2.48
CA LEU C 72 21.31 -3.22 2.14
C LEU C 72 21.94 -1.99 2.80
N ARG C 73 22.62 -2.21 3.91
CA ARG C 73 23.21 -1.14 4.71
C ARG C 73 24.71 -1.37 4.85
N HIS C 74 25.50 -0.41 4.38
CA HIS C 74 26.95 -0.48 4.42
C HIS C 74 27.48 0.94 4.23
N SER C 75 28.67 1.19 4.77
CA SER C 75 29.25 2.53 4.70
C SER C 75 29.64 2.94 3.29
N ARG C 76 29.73 1.97 2.36
CA ARG C 76 30.14 2.25 0.99
C ARG C 76 29.00 2.05 0.00
N VAL C 77 27.76 1.99 0.47
CA VAL C 77 26.58 1.86 -0.37
C VAL C 77 25.60 2.96 0.04
N VAL C 78 24.98 3.61 -0.94
CA VAL C 78 24.09 4.73 -0.64
C VAL C 78 22.83 4.21 0.06
N LYS C 79 22.31 5.02 0.98
CA LYS C 79 21.11 4.67 1.73
C LYS C 79 19.89 5.27 1.06
N LEU C 80 18.87 4.44 0.85
CA LEU C 80 17.58 4.91 0.36
C LEU C 80 16.82 5.48 1.57
N LEU C 81 16.81 6.80 1.68
CA LEU C 81 16.25 7.44 2.88
C LEU C 81 14.73 7.37 2.91
N GLY C 82 14.08 7.60 1.78
CA GLY C 82 12.63 7.64 1.80
C GLY C 82 12.03 7.44 0.42
N VAL C 83 10.71 7.55 0.37
CA VAL C 83 9.95 7.26 -0.84
C VAL C 83 8.73 8.18 -0.87
N ILE C 84 8.44 8.75 -2.03
CA ILE C 84 7.27 9.59 -2.24
C ILE C 84 6.34 8.84 -3.18
N ILE C 85 5.25 8.29 -2.62
CA ILE C 85 4.20 7.68 -3.44
C ILE C 85 2.96 8.56 -3.33
N GLU C 86 2.88 9.58 -4.16
CA GLU C 86 1.73 10.46 -4.25
C GLU C 86 1.01 10.23 -5.57
N GLU C 87 -0.20 10.78 -5.65
CA GLU C 87 -0.96 10.73 -6.89
C GLU C 87 -0.23 11.50 -7.98
N GLY C 88 0.34 10.79 -8.94
CA GLY C 88 1.04 11.43 -10.03
C GLY C 88 2.55 11.43 -9.90
N LYS C 89 3.04 11.65 -8.68
CA LYS C 89 4.48 11.72 -8.43
C LYS C 89 4.94 10.48 -7.69
N TYR C 90 6.04 9.90 -8.17
CA TYR C 90 6.62 8.70 -7.58
C TYR C 90 8.13 8.88 -7.55
N SER C 91 8.72 8.89 -6.36
CA SER C 91 10.10 9.31 -6.21
C SER C 91 10.82 8.48 -5.16
N LEU C 92 12.11 8.25 -5.40
CA LEU C 92 13.01 7.66 -4.43
C LEU C 92 13.95 8.74 -3.92
N VAL C 93 14.14 8.80 -2.59
CA VAL C 93 14.99 9.79 -1.95
C VAL C 93 16.19 9.06 -1.35
N MET C 94 17.39 9.61 -1.56
CA MET C 94 18.61 9.00 -1.09
C MET C 94 19.55 10.07 -0.54
N GLU C 95 20.70 9.64 -0.04
CA GLU C 95 21.66 10.55 0.55
C GLU C 95 22.25 11.49 -0.49
N TYR C 96 22.71 12.65 -0.02
CA TYR C 96 23.34 13.64 -0.88
C TYR C 96 24.86 13.53 -0.77
N MET C 97 25.52 13.39 -1.90
CA MET C 97 26.98 13.35 -1.98
C MET C 97 27.45 14.61 -2.69
N GLU C 98 28.29 15.40 -2.01
CA GLU C 98 28.55 16.77 -2.46
C GLU C 98 29.37 16.80 -3.75
N LYS C 99 30.38 15.95 -3.86
CA LYS C 99 31.35 16.05 -4.95
C LYS C 99 30.87 15.43 -6.26
N GLY C 100 29.67 14.86 -6.30
CA GLY C 100 29.19 14.24 -7.52
C GLY C 100 29.66 12.81 -7.67
N ASN C 101 29.79 12.37 -8.92
CA ASN C 101 30.23 11.01 -9.22
C ASN C 101 31.73 10.98 -9.46
N LEU C 102 32.26 9.76 -9.64
CA LEU C 102 33.71 9.58 -9.68
C LEU C 102 34.33 10.23 -10.91
N MET C 103 33.68 10.10 -12.07
CA MET C 103 34.23 10.67 -13.29
C MET C 103 34.31 12.19 -13.20
N HIS C 104 33.28 12.82 -12.63
CA HIS C 104 33.31 14.26 -12.41
C HIS C 104 34.48 14.64 -11.49
N VAL C 105 34.78 13.80 -10.50
CA VAL C 105 35.87 14.09 -9.58
C VAL C 105 37.21 13.90 -10.28
N LEU C 106 37.37 12.80 -11.03
CA LEU C 106 38.64 12.52 -11.68
C LEU C 106 39.01 13.59 -12.71
N LYS C 107 38.01 14.15 -13.40
CA LYS C 107 38.26 15.12 -14.45
C LYS C 107 38.51 16.53 -13.91
N ALA C 108 38.29 16.77 -12.62
CA ALA C 108 38.41 18.11 -12.07
C ALA C 108 39.76 18.33 -11.40
N GLU C 109 39.98 17.68 -10.24
CA GLU C 109 41.21 17.87 -9.49
C GLU C 109 42.45 17.60 -10.34
N MET C 110 42.46 16.46 -11.04
CA MET C 110 43.55 16.06 -11.92
C MET C 110 44.85 15.82 -11.15
N SER C 111 44.91 16.29 -9.90
CA SER C 111 46.05 16.06 -9.02
C SER C 111 45.68 15.18 -7.83
N THR C 112 44.61 14.39 -7.95
CA THR C 112 44.20 13.50 -6.87
C THR C 112 45.30 12.48 -6.62
N PRO C 113 45.87 12.43 -5.41
CA PRO C 113 47.06 11.60 -5.21
C PRO C 113 46.75 10.11 -5.23
N LEU C 114 47.82 9.34 -5.45
CA LEU C 114 47.70 7.88 -5.48
C LEU C 114 47.19 7.33 -4.16
N SER C 115 47.45 8.04 -3.05
CA SER C 115 46.94 7.60 -1.76
C SER C 115 45.42 7.66 -1.71
N VAL C 116 44.84 8.74 -2.21
CA VAL C 116 43.37 8.86 -2.21
C VAL C 116 42.77 7.90 -3.23
N LYS C 117 43.39 7.77 -4.40
CA LYS C 117 42.88 6.85 -5.41
C LYS C 117 42.91 5.41 -4.91
N GLY C 118 43.99 5.02 -4.23
CA GLY C 118 44.05 3.69 -3.66
C GLY C 118 42.98 3.48 -2.60
N ARG C 119 42.70 4.50 -1.80
CA ARG C 119 41.63 4.41 -0.82
C ARG C 119 40.26 4.30 -1.50
N ILE C 120 40.07 5.04 -2.60
CA ILE C 120 38.81 4.95 -3.33
C ILE C 120 38.60 3.54 -3.88
N ILE C 121 39.67 2.94 -4.42
CA ILE C 121 39.57 1.59 -4.95
C ILE C 121 39.20 0.60 -3.85
N LEU C 122 39.84 0.73 -2.69
CA LEU C 122 39.57 -0.19 -1.58
C LEU C 122 38.13 -0.08 -1.11
N GLU C 123 37.56 1.13 -1.12
CA GLU C 123 36.17 1.29 -0.72
C GLU C 123 35.22 0.72 -1.76
N ILE C 124 35.56 0.81 -3.05
CA ILE C 124 34.76 0.18 -4.08
C ILE C 124 34.73 -1.33 -3.88
N ILE C 125 35.88 -1.93 -3.57
CA ILE C 125 35.94 -3.37 -3.33
C ILE C 125 35.10 -3.74 -2.11
N GLU C 126 35.16 -2.93 -1.05
CA GLU C 126 34.39 -3.21 0.15
C GLU C 126 32.89 -3.18 -0.13
N GLY C 127 32.43 -2.19 -0.88
CA GLY C 127 31.01 -2.10 -1.20
C GLY C 127 30.55 -3.22 -2.10
N MET C 128 31.34 -3.55 -3.13
CA MET C 128 30.97 -4.62 -4.03
C MET C 128 30.97 -5.97 -3.32
N ALA C 129 31.91 -6.17 -2.39
CA ALA C 129 31.94 -7.43 -1.64
C ALA C 129 30.72 -7.57 -0.74
N TYR C 130 30.24 -6.45 -0.18
CA TYR C 130 29.05 -6.51 0.65
C TYR C 130 27.81 -6.83 -0.17
N LEU C 131 27.68 -6.20 -1.34
CA LEU C 131 26.51 -6.46 -2.19
C LEU C 131 26.48 -7.90 -2.68
N HIS C 132 27.64 -8.43 -3.09
CA HIS C 132 27.70 -9.80 -3.56
C HIS C 132 27.45 -10.78 -2.42
N GLY C 133 27.91 -10.46 -1.22
CA GLY C 133 27.63 -11.31 -0.07
C GLY C 133 26.16 -11.40 0.24
N LYS C 134 25.40 -10.33 -0.04
CA LYS C 134 23.96 -10.32 0.13
C LYS C 134 23.23 -10.87 -1.10
N GLY C 135 23.95 -11.44 -2.06
CA GLY C 135 23.34 -11.98 -3.26
C GLY C 135 22.91 -10.97 -4.28
N VAL C 136 23.37 -9.72 -4.18
CA VAL C 136 22.94 -8.65 -5.08
C VAL C 136 24.03 -8.42 -6.12
N ILE C 137 23.69 -8.65 -7.39
CA ILE C 137 24.56 -8.31 -8.50
C ILE C 137 24.21 -6.91 -8.99
N HIS C 138 25.20 -6.05 -9.10
CA HIS C 138 24.93 -4.66 -9.48
C HIS C 138 24.47 -4.56 -10.93
N LYS C 139 25.20 -5.20 -11.84
CA LYS C 139 24.98 -5.29 -13.27
C LYS C 139 25.34 -3.99 -14.01
N ASP C 140 25.55 -2.88 -13.31
CA ASP C 140 25.77 -1.59 -13.96
C ASP C 140 26.78 -0.75 -13.20
N LEU C 141 27.86 -1.38 -12.74
CA LEU C 141 28.91 -0.64 -12.04
C LEU C 141 29.69 0.21 -13.04
N LYS C 142 29.81 1.50 -12.73
CA LYS C 142 30.47 2.46 -13.60
C LYS C 142 30.70 3.75 -12.80
N PRO C 143 31.59 4.63 -13.28
CA PRO C 143 31.89 5.84 -12.50
C PRO C 143 30.68 6.69 -12.20
N GLU C 144 29.65 6.69 -13.04
CA GLU C 144 28.45 7.46 -12.76
C GLU C 144 27.68 6.91 -11.57
N ASN C 145 27.92 5.66 -11.19
CA ASN C 145 27.24 5.03 -10.06
C ASN C 145 28.10 5.03 -8.79
N ILE C 146 29.25 5.68 -8.82
CA ILE C 146 30.11 5.82 -7.65
C ILE C 146 30.10 7.29 -7.24
N LEU C 147 29.44 7.58 -6.13
CA LEU C 147 29.28 8.95 -5.65
C LEU C 147 30.32 9.27 -4.59
N VAL C 148 30.83 10.50 -4.62
CA VAL C 148 31.93 10.92 -3.76
C VAL C 148 31.46 12.07 -2.88
N ASP C 149 31.88 12.06 -1.62
CA ASP C 149 31.62 13.16 -0.70
C ASP C 149 32.84 14.07 -0.60
N ASN C 150 32.73 15.09 0.26
CA ASN C 150 33.81 16.06 0.40
C ASN C 150 35.08 15.43 0.95
N ASP C 151 34.95 14.43 1.81
CA ASP C 151 36.10 13.73 2.37
C ASP C 151 36.70 12.70 1.41
N PHE C 152 36.27 12.71 0.16
CA PHE C 152 36.73 11.78 -0.87
C PHE C 152 36.40 10.33 -0.54
N HIS C 153 35.42 10.10 0.33
CA HIS C 153 34.86 8.78 0.54
C HIS C 153 33.75 8.52 -0.47
N ILE C 154 33.63 7.28 -0.91
CA ILE C 154 32.73 6.94 -1.99
C ILE C 154 31.59 6.06 -1.47
N LYS C 155 30.49 6.06 -2.22
CA LYS C 155 29.36 5.17 -1.98
C LYS C 155 28.82 4.74 -3.33
N ILE C 156 28.47 3.46 -3.43
CA ILE C 156 27.97 2.90 -4.68
C ILE C 156 26.46 3.12 -4.74
N ALA C 157 25.98 3.52 -5.91
CA ALA C 157 24.57 3.77 -6.14
C ALA C 157 24.06 2.87 -7.25
N ASP C 158 22.74 2.87 -7.41
CA ASP C 158 22.04 2.13 -8.46
C ASP C 158 21.13 3.08 -9.24
N LEU C 159 21.71 4.17 -9.74
CA LEU C 159 20.92 5.25 -10.31
C LEU C 159 20.14 4.81 -11.54
N GLY C 160 20.62 3.77 -12.23
CA GLY C 160 19.88 3.22 -13.34
C GLY C 160 18.73 2.33 -12.95
N LEU C 161 18.57 2.05 -11.65
CA LEU C 161 17.49 1.20 -11.13
C LEU C 161 17.56 -0.21 -11.72
N ALA C 162 18.78 -0.70 -11.92
CA ALA C 162 18.96 -2.06 -12.44
C ALA C 162 18.53 -3.11 -11.43
N SER C 163 18.49 -2.78 -10.14
CA SER C 163 18.09 -3.71 -9.10
C SER C 163 16.73 -3.37 -8.51
N PHE C 164 16.00 -2.44 -9.10
CA PHE C 164 14.65 -2.07 -8.68
C PHE C 164 13.69 -2.48 -9.81
N LYS C 165 13.12 -3.67 -9.69
CA LYS C 165 12.30 -4.21 -10.77
C LYS C 165 11.10 -3.32 -11.06
N MET C 166 10.24 -3.11 -10.07
CA MET C 166 9.00 -2.36 -10.32
C MET C 166 9.27 -0.87 -10.50
N TRP C 167 10.29 -0.34 -9.83
CA TRP C 167 10.58 1.09 -9.97
C TRP C 167 11.22 1.40 -11.32
N SER C 168 11.89 0.43 -11.94
CA SER C 168 12.49 0.66 -13.25
C SER C 168 11.45 0.57 -14.37
N LYS C 169 10.53 -0.40 -14.27
CA LYS C 169 9.45 -0.47 -15.24
C LYS C 169 8.62 0.82 -15.22
N LEU C 170 8.44 1.40 -14.02
CA LEU C 170 7.75 2.67 -13.91
C LEU C 170 8.53 3.81 -14.55
N ASN C 171 9.86 3.69 -14.59
CA ASN C 171 10.69 4.79 -15.10
C ASN C 171 10.61 4.90 -16.62
N ASN C 172 10.62 3.78 -17.33
CA ASN C 172 10.63 3.80 -18.78
C ASN C 172 9.26 3.50 -19.38
N GLY C 190 22.48 3.05 -21.23
CA GLY C 190 23.68 3.67 -20.72
C GLY C 190 24.92 3.36 -21.54
N THR C 191 26.08 3.64 -20.97
CA THR C 191 27.34 3.41 -21.66
C THR C 191 27.69 1.94 -21.69
N LEU C 192 28.42 1.53 -22.72
CA LEU C 192 28.87 0.16 -22.89
C LEU C 192 30.35 -0.03 -22.53
N TYR C 193 31.03 1.04 -22.13
CA TYR C 193 32.47 0.97 -21.85
C TYR C 193 32.80 0.01 -20.73
N TYR C 194 31.86 -0.25 -19.82
CA TYR C 194 32.12 -1.01 -18.60
C TYR C 194 31.37 -2.33 -18.58
N MET C 195 30.74 -2.70 -19.69
CA MET C 195 29.99 -3.95 -19.78
C MET C 195 30.91 -5.10 -20.12
N ALA C 196 30.72 -6.22 -19.45
CA ALA C 196 31.49 -7.42 -19.76
C ALA C 196 31.20 -7.87 -21.18
N PRO C 197 32.19 -8.37 -21.92
CA PRO C 197 31.97 -8.71 -23.33
C PRO C 197 30.91 -9.78 -23.55
N GLU C 198 30.69 -10.66 -22.58
CA GLU C 198 29.65 -11.67 -22.71
C GLU C 198 28.25 -11.08 -22.73
N HIS C 199 28.09 -9.81 -22.36
CA HIS C 199 26.80 -9.15 -22.40
C HIS C 199 26.61 -8.25 -23.62
N LEU C 200 27.69 -7.93 -24.33
CA LEU C 200 27.55 -7.17 -25.56
C LEU C 200 26.99 -8.07 -26.66
N ASN C 201 25.91 -7.62 -27.30
CA ASN C 201 25.23 -8.33 -28.37
C ASN C 201 24.69 -9.69 -27.92
N ASP C 202 24.48 -9.88 -26.62
CA ASP C 202 23.90 -11.12 -26.10
C ASP C 202 23.05 -10.75 -24.89
N VAL C 203 21.73 -10.68 -25.10
CA VAL C 203 20.81 -10.34 -24.02
C VAL C 203 20.34 -11.57 -23.24
N ASN C 204 20.74 -12.76 -23.66
CA ASN C 204 20.37 -13.99 -22.95
C ASN C 204 21.41 -14.40 -21.93
N ALA C 205 22.58 -13.76 -21.89
CA ALA C 205 23.60 -14.06 -20.89
C ALA C 205 23.27 -13.31 -19.61
N LYS C 206 23.05 -14.06 -18.53
CA LYS C 206 22.66 -13.45 -17.26
C LYS C 206 23.88 -12.86 -16.57
N PRO C 207 23.80 -11.64 -16.05
CA PRO C 207 24.94 -11.07 -15.31
C PRO C 207 25.24 -11.88 -14.06
N THR C 208 26.53 -12.03 -13.78
CA THR C 208 27.02 -12.76 -12.62
C THR C 208 27.92 -11.85 -11.79
N GLU C 209 28.51 -12.43 -10.73
CA GLU C 209 29.49 -11.69 -9.95
C GLU C 209 30.71 -11.31 -10.80
N LYS C 210 31.07 -12.16 -11.76
CA LYS C 210 32.19 -11.86 -12.65
C LYS C 210 31.87 -10.73 -13.62
N SER C 211 30.58 -10.48 -13.90
CA SER C 211 30.22 -9.34 -14.72
C SER C 211 30.59 -8.03 -14.02
N ASP C 212 30.34 -7.95 -12.71
CA ASP C 212 30.71 -6.76 -11.95
C ASP C 212 32.22 -6.63 -11.81
N VAL C 213 32.93 -7.76 -11.76
CA VAL C 213 34.39 -7.71 -11.65
C VAL C 213 35.01 -7.10 -12.90
N TYR C 214 34.49 -7.45 -14.08
CA TYR C 214 34.97 -6.82 -15.31
C TYR C 214 34.77 -5.32 -15.27
N SER C 215 33.56 -4.88 -14.89
CA SER C 215 33.29 -3.45 -14.80
C SER C 215 34.26 -2.78 -13.84
N PHE C 216 34.61 -3.47 -12.75
CA PHE C 216 35.58 -2.95 -11.80
C PHE C 216 36.93 -2.72 -12.47
N ALA C 217 37.31 -3.60 -13.41
CA ALA C 217 38.60 -3.46 -14.09
C ALA C 217 38.65 -2.20 -14.92
N VAL C 218 37.57 -1.89 -15.66
CA VAL C 218 37.56 -0.68 -16.47
C VAL C 218 37.48 0.55 -15.59
N VAL C 219 36.78 0.46 -14.45
CA VAL C 219 36.77 1.56 -13.49
C VAL C 219 38.18 1.81 -12.96
N LEU C 220 38.94 0.74 -12.72
CA LEU C 220 40.33 0.88 -12.30
C LEU C 220 41.12 1.69 -13.32
N TRP C 221 40.97 1.35 -14.61
CA TRP C 221 41.67 2.08 -15.65
C TRP C 221 41.25 3.55 -15.69
N ALA C 222 39.95 3.81 -15.52
CA ALA C 222 39.48 5.19 -15.58
C ALA C 222 39.97 6.01 -14.40
N ILE C 223 40.24 5.37 -13.25
CA ILE C 223 40.73 6.09 -12.09
C ILE C 223 42.15 6.61 -12.36
N PHE C 224 42.98 5.82 -13.02
CA PHE C 224 44.36 6.20 -13.28
C PHE C 224 44.54 6.93 -14.59
N ALA C 225 43.59 6.82 -15.53
CA ALA C 225 43.65 7.56 -16.77
C ALA C 225 42.94 8.90 -16.70
N ASN C 226 42.09 9.09 -15.69
CA ASN C 226 41.35 10.34 -15.47
C ASN C 226 40.43 10.68 -16.64
N LYS C 227 39.95 9.65 -17.35
CA LYS C 227 39.05 9.88 -18.49
C LYS C 227 38.37 8.57 -18.85
N GLU C 228 37.35 8.69 -19.70
CA GLU C 228 36.66 7.52 -20.21
C GLU C 228 37.56 6.78 -21.21
N PRO C 229 37.36 5.48 -21.39
CA PRO C 229 38.19 4.72 -22.33
C PRO C 229 37.65 4.80 -23.76
N TYR C 230 38.47 4.30 -24.69
CA TYR C 230 38.12 4.17 -26.10
C TYR C 230 37.77 5.53 -26.72
N GLU C 231 38.69 6.49 -26.60
CA GLU C 231 38.44 7.81 -27.17
C GLU C 231 38.54 7.80 -28.69
N ASN C 232 39.31 6.86 -29.26
CA ASN C 232 39.51 6.81 -30.70
C ASN C 232 38.48 5.95 -31.41
N ALA C 233 37.47 5.44 -30.69
CA ALA C 233 36.43 4.64 -31.33
C ALA C 233 35.59 5.52 -32.26
N ILE C 234 35.22 4.95 -33.40
CA ILE C 234 34.48 5.69 -34.41
C ILE C 234 33.00 5.31 -34.43
N ALA C 235 32.68 4.02 -34.33
CA ALA C 235 31.31 3.56 -34.39
C ALA C 235 31.06 2.56 -33.27
N GLU C 236 29.79 2.43 -32.88
CA GLU C 236 29.43 1.55 -31.78
C GLU C 236 29.63 0.09 -32.16
N GLN C 237 29.25 -0.29 -33.39
CA GLN C 237 29.45 -1.67 -33.83
C GLN C 237 30.93 -2.02 -33.91
N GLN C 238 31.77 -1.05 -34.27
CA GLN C 238 33.22 -1.27 -34.25
C GLN C 238 33.71 -1.51 -32.83
N LEU C 239 33.24 -0.71 -31.87
CA LEU C 239 33.68 -0.83 -30.49
C LEU C 239 33.16 -2.12 -29.85
N ILE C 240 31.90 -2.47 -30.11
CA ILE C 240 31.34 -3.70 -29.55
C ILE C 240 32.09 -4.92 -30.08
N MET C 241 32.29 -4.96 -31.40
CA MET C 241 33.00 -6.09 -32.00
C MET C 241 34.46 -6.14 -31.56
N ALA C 242 35.07 -4.98 -31.31
CA ALA C 242 36.46 -4.96 -30.86
C ALA C 242 36.61 -5.53 -29.46
N ILE C 243 35.75 -5.08 -28.53
CA ILE C 243 35.82 -5.57 -27.15
C ILE C 243 35.54 -7.06 -27.10
N LYS C 244 34.58 -7.53 -27.92
CA LYS C 244 34.27 -8.95 -27.93
C LYS C 244 35.44 -9.78 -28.46
N SER C 245 36.29 -9.18 -29.30
CA SER C 245 37.45 -9.87 -29.84
C SER C 245 38.67 -9.79 -28.92
N GLY C 246 38.57 -9.07 -27.79
CA GLY C 246 39.67 -8.97 -26.85
C GLY C 246 40.23 -7.57 -26.67
N ASN C 247 39.72 -6.56 -27.37
CA ASN C 247 40.24 -5.21 -27.21
C ASN C 247 39.85 -4.64 -25.86
N ARG C 248 40.78 -3.94 -25.23
CA ARG C 248 40.66 -3.42 -23.87
C ARG C 248 41.10 -1.98 -23.85
N PRO C 249 40.87 -1.26 -22.74
CA PRO C 249 41.39 0.11 -22.63
C PRO C 249 42.90 0.14 -22.80
N ASP C 250 43.38 1.23 -23.41
CA ASP C 250 44.79 1.37 -23.73
C ASP C 250 45.59 1.61 -22.46
N VAL C 251 46.38 0.61 -22.06
CA VAL C 251 47.22 0.75 -20.88
C VAL C 251 48.32 1.80 -21.12
N ASP C 252 48.82 1.89 -22.35
CA ASP C 252 49.81 2.92 -22.68
C ASP C 252 49.22 4.32 -22.57
N ASP C 253 47.90 4.45 -22.58
CA ASP C 253 47.24 5.75 -22.45
C ASP C 253 47.21 6.27 -21.01
N ILE C 254 47.83 5.56 -20.08
CA ILE C 254 47.95 6.03 -18.70
C ILE C 254 49.27 6.78 -18.61
N THR C 255 49.20 8.11 -18.59
CA THR C 255 50.41 8.92 -18.42
C THR C 255 50.80 9.03 -16.96
N GLU C 256 49.82 9.07 -16.07
CA GLU C 256 50.08 9.09 -14.64
C GLU C 256 50.82 7.83 -14.21
N TYR C 257 51.44 7.89 -13.03
CA TYR C 257 52.11 6.73 -12.49
C TYR C 257 51.08 5.74 -11.95
N CYS C 258 51.20 4.48 -12.36
CA CYS C 258 50.33 3.42 -11.89
C CYS C 258 51.16 2.20 -11.53
N PRO C 259 51.05 1.69 -10.31
CA PRO C 259 51.90 0.57 -9.89
C PRO C 259 51.67 -0.67 -10.75
N ARG C 260 52.71 -1.50 -10.84
CA ARG C 260 52.65 -2.69 -11.69
C ARG C 260 51.56 -3.65 -11.22
N GLU C 261 51.34 -3.73 -9.91
CA GLU C 261 50.34 -4.67 -9.37
C GLU C 261 48.94 -4.29 -9.79
N ILE C 262 48.64 -2.99 -9.85
CA ILE C 262 47.30 -2.54 -10.22
C ILE C 262 47.03 -2.81 -11.69
N ILE C 263 48.05 -2.66 -12.53
CA ILE C 263 47.89 -2.99 -13.95
C ILE C 263 47.70 -4.49 -14.12
N SER C 264 48.41 -5.30 -13.33
CA SER C 264 48.20 -6.74 -13.36
C SER C 264 46.80 -7.11 -12.87
N LEU C 265 46.37 -6.48 -11.76
CA LEU C 265 45.01 -6.67 -11.29
C LEU C 265 44.00 -6.27 -12.36
N MET C 266 44.26 -5.15 -13.04
CA MET C 266 43.43 -4.70 -14.14
C MET C 266 43.29 -5.77 -15.21
N LYS C 267 44.42 -6.34 -15.64
CA LYS C 267 44.40 -7.29 -16.75
C LYS C 267 43.76 -8.62 -16.36
N LEU C 268 43.80 -8.97 -15.07
CA LEU C 268 43.17 -10.21 -14.63
C LEU C 268 41.66 -10.04 -14.49
N CYS C 269 41.19 -8.86 -14.09
CA CYS C 269 39.77 -8.65 -13.88
C CYS C 269 39.00 -8.43 -15.18
N TRP C 270 39.67 -8.03 -16.27
CA TRP C 270 38.99 -7.86 -17.54
C TRP C 270 39.36 -8.98 -18.53
N GLU C 271 39.72 -10.15 -18.02
CA GLU C 271 39.95 -11.30 -18.87
C GLU C 271 38.67 -11.66 -19.62
N ALA C 272 38.84 -12.23 -20.82
CA ALA C 272 37.68 -12.61 -21.62
C ALA C 272 36.89 -13.72 -20.95
N ASN C 273 37.57 -14.70 -20.37
CA ASN C 273 36.90 -15.80 -19.69
C ASN C 273 36.47 -15.37 -18.30
N PRO C 274 35.18 -15.39 -17.97
CA PRO C 274 34.75 -14.98 -16.63
C PRO C 274 35.31 -15.85 -15.53
N GLU C 275 35.58 -17.13 -15.80
CA GLU C 275 36.15 -18.01 -14.78
C GLU C 275 37.55 -17.58 -14.39
N ALA C 276 38.28 -16.95 -15.31
CA ALA C 276 39.63 -16.47 -15.03
C ALA C 276 39.63 -15.20 -14.19
N ARG C 277 38.49 -14.52 -14.06
CA ARG C 277 38.42 -13.33 -13.24
C ARG C 277 38.26 -13.72 -11.77
N PRO C 278 38.87 -12.98 -10.85
CA PRO C 278 38.76 -13.30 -9.42
C PRO C 278 37.45 -12.79 -8.85
N THR C 279 37.22 -13.12 -7.59
CA THR C 279 36.09 -12.56 -6.84
C THR C 279 36.55 -11.31 -6.10
N PHE C 280 35.56 -10.53 -5.64
CA PHE C 280 35.87 -9.31 -4.92
C PHE C 280 36.52 -9.59 -3.57
N PRO C 281 36.09 -10.61 -2.82
CA PRO C 281 36.89 -11.00 -1.64
C PRO C 281 38.32 -11.38 -1.99
N GLY C 282 38.52 -12.08 -3.12
CA GLY C 282 39.87 -12.38 -3.56
C GLY C 282 40.65 -11.15 -3.96
N ILE C 283 39.97 -10.17 -4.56
CA ILE C 283 40.63 -8.90 -4.86
C ILE C 283 40.97 -8.16 -3.57
N GLU C 284 40.10 -8.26 -2.57
CA GLU C 284 40.35 -7.60 -1.29
C GLU C 284 41.60 -8.15 -0.61
N GLU C 285 41.76 -9.47 -0.59
CA GLU C 285 42.88 -10.07 0.13
C GLU C 285 44.21 -9.80 -0.56
N LYS C 286 44.19 -9.49 -1.86
CA LYS C 286 45.43 -9.15 -2.56
C LYS C 286 45.72 -7.65 -2.50
N PHE C 287 44.68 -6.82 -2.63
CA PHE C 287 44.90 -5.38 -2.77
C PHE C 287 45.14 -4.68 -1.43
N ARG C 288 44.41 -5.09 -0.39
CA ARG C 288 44.55 -4.42 0.91
C ARG C 288 45.97 -4.49 1.45
N PRO C 289 46.66 -5.63 1.46
CA PRO C 289 48.07 -5.61 1.91
C PRO C 289 48.97 -4.76 1.04
N PHE C 290 48.66 -4.65 -0.26
CA PHE C 290 49.45 -3.78 -1.13
C PHE C 290 49.14 -2.31 -0.86
N TYR C 291 47.89 -2.00 -0.54
CA TYR C 291 47.52 -0.61 -0.28
C TYR C 291 48.18 -0.09 1.00
N LEU C 292 48.21 -0.91 2.04
CA LEU C 292 48.76 -0.47 3.32
C LEU C 292 50.27 -0.30 3.27
N SER C 293 50.95 -1.08 2.41
CA SER C 293 52.40 -1.08 2.38
C SER C 293 52.98 -0.04 1.43
N GLN C 294 52.33 0.21 0.29
CA GLN C 294 52.91 1.04 -0.75
C GLN C 294 52.13 2.29 -1.09
N LEU C 295 50.89 2.42 -0.63
CA LEU C 295 50.09 3.61 -0.95
C LEU C 295 49.64 4.34 0.32
N ASN D 10 11.74 -49.24 -9.35
CA ASN D 10 11.98 -50.25 -8.32
C ASN D 10 13.21 -49.90 -7.50
N VAL D 11 13.33 -50.51 -6.31
CA VAL D 11 14.42 -50.22 -5.39
C VAL D 11 15.51 -51.27 -5.56
N ILE D 12 16.74 -50.87 -5.28
CA ILE D 12 17.92 -51.71 -5.50
C ILE D 12 18.35 -52.31 -4.18
N LYS D 13 18.61 -53.62 -4.16
CA LYS D 13 19.15 -54.29 -2.99
C LYS D 13 20.67 -54.18 -3.01
N MET D 14 21.23 -53.48 -2.02
CA MET D 14 22.66 -53.21 -1.98
C MET D 14 23.37 -54.14 -1.00
N LYS D 15 24.70 -54.10 -1.06
CA LYS D 15 25.55 -54.88 -0.18
C LYS D 15 26.49 -53.94 0.57
N SER D 16 26.82 -54.33 1.80
CA SER D 16 27.70 -53.51 2.62
C SER D 16 29.14 -53.47 2.08
N SER D 17 29.51 -54.45 1.26
CA SER D 17 30.87 -54.46 0.70
C SER D 17 31.08 -53.32 -0.28
N ASP D 18 30.03 -52.89 -0.99
CA ASP D 18 30.17 -51.83 -1.98
C ASP D 18 30.65 -50.52 -1.37
N PHE D 19 30.51 -50.35 -0.06
CA PHE D 19 30.78 -49.09 0.60
C PHE D 19 32.10 -49.17 1.36
N LEU D 20 32.87 -48.07 1.29
CA LEU D 20 34.20 -48.02 1.88
C LEU D 20 34.14 -47.71 3.37
N VAL D 33 23.55 -38.19 10.25
CA VAL D 33 23.42 -39.36 9.40
C VAL D 33 24.76 -39.60 8.68
N SER D 34 25.04 -40.87 8.38
CA SER D 34 26.37 -41.28 7.97
C SER D 34 26.61 -41.03 6.49
N LEU D 35 27.80 -40.56 6.17
CA LEU D 35 28.22 -40.34 4.79
C LEU D 35 29.00 -41.56 4.32
N ALA D 36 28.59 -42.12 3.19
CA ALA D 36 29.12 -43.39 2.70
C ALA D 36 29.62 -43.21 1.27
N PHE D 37 30.61 -44.04 0.92
CA PHE D 37 31.25 -43.98 -0.39
C PHE D 37 31.02 -45.30 -1.12
N HIS D 38 30.06 -45.30 -2.05
CA HIS D 38 29.89 -46.42 -2.95
C HIS D 38 31.07 -46.48 -3.92
N ARG D 39 31.51 -47.70 -4.24
CA ARG D 39 32.65 -47.88 -5.12
C ARG D 39 32.29 -47.81 -6.60
N THR D 40 31.05 -48.13 -6.96
CA THR D 40 30.62 -48.14 -8.36
C THR D 40 29.37 -47.31 -8.59
N GLN D 41 29.05 -46.40 -7.67
CA GLN D 41 27.87 -45.55 -7.83
C GLN D 41 28.08 -44.13 -7.33
N GLY D 42 29.26 -43.79 -6.81
CA GLY D 42 29.49 -42.46 -6.27
C GLY D 42 29.45 -42.42 -4.76
N LEU D 43 28.95 -41.33 -4.20
CA LEU D 43 28.81 -41.18 -2.76
C LEU D 43 27.36 -40.91 -2.40
N MET D 44 26.89 -41.56 -1.34
CA MET D 44 25.50 -41.47 -0.90
C MET D 44 25.48 -41.28 0.61
N ILE D 45 24.27 -41.13 1.14
CA ILE D 45 24.05 -41.04 2.58
C ILE D 45 23.41 -42.35 3.04
N MET D 46 23.96 -42.95 4.08
CA MET D 46 23.53 -44.25 4.57
C MET D 46 23.07 -44.13 6.02
N LYS D 47 21.93 -44.75 6.32
CA LYS D 47 21.38 -44.78 7.68
C LYS D 47 21.34 -46.24 8.12
N THR D 48 22.27 -46.62 8.98
CA THR D 48 22.34 -47.99 9.47
C THR D 48 21.32 -48.17 10.60
N VAL D 49 20.47 -49.18 10.46
CA VAL D 49 19.45 -49.47 11.47
C VAL D 49 19.67 -50.86 12.06
N ILE D 56 15.10 -61.29 10.87
CA ILE D 56 15.54 -62.19 9.82
C ILE D 56 14.33 -62.69 9.03
N GLU D 57 13.21 -62.90 9.73
CA GLU D 57 11.97 -63.31 9.10
C GLU D 57 11.06 -62.14 8.75
N HIS D 58 11.08 -61.08 9.57
CA HIS D 58 10.36 -59.84 9.26
C HIS D 58 10.91 -59.15 8.02
N ASN D 59 12.06 -59.58 7.51
CA ASN D 59 12.70 -58.93 6.38
C ASN D 59 11.80 -58.84 5.16
N GLU D 60 10.79 -59.70 5.07
CA GLU D 60 9.91 -59.72 3.91
C GLU D 60 9.11 -58.42 3.82
N ALA D 61 8.66 -57.90 4.96
CA ALA D 61 7.89 -56.66 4.96
C ALA D 61 8.78 -55.42 4.89
N LEU D 62 10.00 -55.51 5.43
CA LEU D 62 10.96 -54.42 5.29
C LEU D 62 11.19 -54.11 3.82
N LEU D 63 11.27 -55.13 2.98
CA LEU D 63 11.37 -54.93 1.54
C LEU D 63 10.07 -54.35 0.98
N GLU D 64 8.94 -54.77 1.52
CA GLU D 64 7.65 -54.25 1.07
C GLU D 64 7.49 -52.78 1.45
N GLU D 65 7.91 -52.41 2.66
CA GLU D 65 7.83 -51.02 3.08
C GLU D 65 8.79 -50.15 2.28
N ALA D 66 10.01 -50.64 2.03
CA ALA D 66 10.98 -49.86 1.27
C ALA D 66 10.52 -49.68 -0.17
N LYS D 67 9.96 -50.73 -0.77
CA LYS D 67 9.46 -50.62 -2.14
C LYS D 67 8.27 -49.67 -2.23
N MET D 68 7.46 -49.61 -1.17
CA MET D 68 6.32 -48.69 -1.17
C MET D 68 6.79 -47.25 -1.05
N MET D 69 7.71 -46.97 -0.11
CA MET D 69 8.23 -45.63 0.06
C MET D 69 9.07 -45.19 -1.13
N ASN D 70 9.61 -46.14 -1.90
CA ASN D 70 10.36 -45.79 -3.11
C ASN D 70 9.45 -45.20 -4.19
N ARG D 71 8.14 -45.41 -4.09
CA ARG D 71 7.20 -44.93 -5.10
C ARG D 71 6.88 -43.45 -4.95
N LEU D 72 7.29 -42.81 -3.86
CA LEU D 72 7.17 -41.37 -3.71
C LEU D 72 8.36 -40.71 -4.39
N ARG D 73 8.12 -40.02 -5.51
CA ARG D 73 9.20 -39.44 -6.31
C ARG D 73 8.85 -38.00 -6.67
N HIS D 74 9.73 -37.08 -6.28
CA HIS D 74 9.54 -35.65 -6.49
C HIS D 74 10.91 -34.99 -6.32
N SER D 75 11.12 -33.90 -7.06
CA SER D 75 12.42 -33.23 -7.04
C SER D 75 12.74 -32.61 -5.68
N ARG D 76 11.74 -32.45 -4.81
CA ARG D 76 11.93 -31.85 -3.50
C ARG D 76 11.82 -32.88 -2.38
N VAL D 77 11.79 -34.17 -2.71
CA VAL D 77 11.70 -35.25 -1.74
C VAL D 77 12.89 -36.17 -1.98
N VAL D 78 13.61 -36.51 -0.89
CA VAL D 78 14.78 -37.37 -1.04
C VAL D 78 14.35 -38.74 -1.54
N LYS D 79 15.20 -39.34 -2.36
CA LYS D 79 14.92 -40.63 -2.99
C LYS D 79 15.65 -41.74 -2.24
N LEU D 80 14.91 -42.79 -1.91
CA LEU D 80 15.50 -43.98 -1.30
C LEU D 80 16.17 -44.78 -2.41
N LEU D 81 17.51 -44.68 -2.49
CA LEU D 81 18.24 -45.29 -3.59
C LEU D 81 18.38 -46.80 -3.43
N GLY D 82 18.48 -47.29 -2.20
CA GLY D 82 18.62 -48.73 -2.01
C GLY D 82 18.55 -49.08 -0.53
N VAL D 83 18.48 -50.39 -0.28
CA VAL D 83 18.44 -50.93 1.07
C VAL D 83 19.51 -52.00 1.20
N ILE D 84 19.97 -52.20 2.43
CA ILE D 84 20.93 -53.24 2.77
C ILE D 84 20.23 -54.19 3.73
N ILE D 85 19.91 -55.39 3.25
CA ILE D 85 19.24 -56.39 4.07
C ILE D 85 20.19 -57.55 4.34
N GLU D 86 21.11 -57.36 5.28
CA GLU D 86 22.05 -58.39 5.69
C GLU D 86 21.81 -58.74 7.14
N GLU D 87 22.04 -60.01 7.48
CA GLU D 87 21.79 -60.48 8.83
C GLU D 87 22.66 -59.72 9.83
N GLY D 88 22.01 -58.97 10.72
CA GLY D 88 22.71 -58.10 11.65
C GLY D 88 23.18 -56.80 11.06
N LYS D 89 22.86 -56.51 9.80
CA LYS D 89 23.31 -55.29 9.12
C LYS D 89 22.17 -54.81 8.24
N TYR D 90 21.38 -53.87 8.76
CA TYR D 90 20.24 -53.31 8.04
C TYR D 90 20.44 -51.81 7.87
N SER D 91 20.32 -51.33 6.64
CA SER D 91 20.64 -49.94 6.33
C SER D 91 19.73 -49.44 5.23
N LEU D 92 19.52 -48.12 5.21
CA LEU D 92 18.83 -47.44 4.13
C LEU D 92 19.79 -46.49 3.44
N VAL D 93 19.74 -46.46 2.11
CA VAL D 93 20.67 -45.68 1.30
C VAL D 93 19.85 -44.65 0.51
N MET D 94 20.28 -43.39 0.57
CA MET D 94 19.57 -42.30 -0.07
C MET D 94 20.55 -41.38 -0.77
N GLU D 95 20.02 -40.36 -1.43
CA GLU D 95 20.83 -39.42 -2.20
C GLU D 95 21.73 -38.60 -1.27
N TYR D 96 22.82 -38.10 -1.83
CA TYR D 96 23.76 -37.29 -1.09
C TYR D 96 23.44 -35.81 -1.26
N MET D 97 23.48 -35.08 -0.14
CA MET D 97 23.28 -33.63 -0.13
C MET D 97 24.48 -33.01 0.57
N GLU D 98 25.21 -32.17 -0.15
CA GLU D 98 26.55 -31.79 0.29
C GLU D 98 26.51 -30.85 1.49
N LYS D 99 25.57 -29.92 1.52
CA LYS D 99 25.58 -28.86 2.52
C LYS D 99 24.91 -29.25 3.84
N GLY D 100 24.47 -30.50 3.98
CA GLY D 100 23.86 -30.93 5.22
C GLY D 100 22.40 -30.53 5.32
N ASN D 101 21.94 -30.33 6.55
CA ASN D 101 20.55 -29.95 6.79
C ASN D 101 20.40 -28.43 6.77
N LEU D 102 19.14 -27.98 6.87
CA LEU D 102 18.84 -26.56 6.74
C LEU D 102 19.45 -25.76 7.88
N MET D 103 19.41 -26.30 9.11
CA MET D 103 19.92 -25.55 10.25
C MET D 103 21.42 -25.32 10.15
N HIS D 104 22.15 -26.31 9.65
CA HIS D 104 23.59 -26.14 9.46
C HIS D 104 23.88 -25.04 8.44
N VAL D 105 23.04 -24.92 7.42
CA VAL D 105 23.21 -23.87 6.41
C VAL D 105 22.83 -22.52 6.99
N LEU D 106 21.77 -22.48 7.82
CA LEU D 106 21.31 -21.22 8.39
C LEU D 106 22.32 -20.62 9.36
N LYS D 107 23.16 -21.45 9.97
CA LYS D 107 24.15 -20.99 10.94
C LYS D 107 25.53 -20.84 10.34
N ALA D 108 25.65 -20.89 9.01
CA ALA D 108 26.94 -20.80 8.36
C ALA D 108 27.57 -19.43 8.59
N GLU D 109 28.86 -19.35 8.27
CA GLU D 109 29.63 -18.13 8.56
C GLU D 109 29.03 -16.92 7.84
N MET D 110 28.81 -17.03 6.54
CA MET D 110 28.20 -15.97 5.77
C MET D 110 26.70 -16.23 5.62
N SER D 111 25.93 -15.15 5.54
CA SER D 111 24.49 -15.25 5.54
C SER D 111 23.98 -15.81 4.20
N THR D 112 22.71 -16.21 4.21
CA THR D 112 22.06 -16.73 3.02
C THR D 112 21.14 -15.66 2.45
N PRO D 113 21.30 -15.26 1.19
CA PRO D 113 20.55 -14.11 0.67
C PRO D 113 19.06 -14.39 0.62
N LEU D 114 18.30 -13.29 0.52
CA LEU D 114 16.84 -13.36 0.59
C LEU D 114 16.26 -14.18 -0.57
N SER D 115 16.77 -13.97 -1.79
CA SER D 115 16.25 -14.69 -2.94
C SER D 115 16.44 -16.19 -2.79
N VAL D 116 17.53 -16.62 -2.16
CA VAL D 116 17.74 -18.04 -1.94
C VAL D 116 16.76 -18.58 -0.92
N LYS D 117 16.54 -17.83 0.17
CA LYS D 117 15.61 -18.29 1.21
C LYS D 117 14.20 -18.42 0.66
N GLY D 118 13.78 -17.47 -0.18
CA GLY D 118 12.46 -17.58 -0.79
C GLY D 118 12.35 -18.80 -1.70
N ARG D 119 13.43 -19.14 -2.40
CA ARG D 119 13.42 -20.36 -3.21
C ARG D 119 13.38 -21.61 -2.33
N ILE D 120 14.05 -21.57 -1.18
CA ILE D 120 13.99 -22.70 -0.26
C ILE D 120 12.58 -22.88 0.28
N ILE D 121 11.90 -21.78 0.62
CA ILE D 121 10.55 -21.87 1.15
C ILE D 121 9.60 -22.43 0.10
N LEU D 122 9.71 -21.96 -1.15
CA LEU D 122 8.86 -22.47 -2.21
C LEU D 122 9.07 -23.95 -2.45
N GLU D 123 10.30 -24.43 -2.27
CA GLU D 123 10.58 -25.84 -2.48
C GLU D 123 10.05 -26.71 -1.34
N ILE D 124 10.05 -26.18 -0.12
CA ILE D 124 9.45 -26.90 1.00
C ILE D 124 7.94 -26.99 0.82
N ILE D 125 7.33 -25.93 0.29
CA ILE D 125 5.90 -25.96 0.02
C ILE D 125 5.58 -26.99 -1.06
N GLU D 126 6.39 -27.02 -2.12
CA GLU D 126 6.17 -27.97 -3.21
C GLU D 126 6.30 -29.41 -2.71
N GLY D 127 7.38 -29.70 -1.99
CA GLY D 127 7.57 -31.05 -1.48
C GLY D 127 6.49 -31.47 -0.51
N MET D 128 6.10 -30.56 0.39
CA MET D 128 5.04 -30.88 1.35
C MET D 128 3.70 -31.08 0.63
N ALA D 129 3.42 -30.24 -0.38
CA ALA D 129 2.17 -30.38 -1.12
C ALA D 129 2.14 -31.70 -1.90
N TYR D 130 3.29 -32.14 -2.41
CA TYR D 130 3.34 -33.41 -3.12
C TYR D 130 3.06 -34.57 -2.17
N LEU D 131 3.74 -34.60 -1.03
CA LEU D 131 3.56 -35.69 -0.07
C LEU D 131 2.12 -35.73 0.43
N HIS D 132 1.50 -34.58 0.62
CA HIS D 132 0.13 -34.54 1.11
C HIS D 132 -0.84 -35.03 0.03
N GLY D 133 -0.57 -34.69 -1.23
CA GLY D 133 -1.40 -35.19 -2.32
C GLY D 133 -1.35 -36.69 -2.47
N LYS D 134 -0.27 -37.32 -2.01
CA LYS D 134 -0.15 -38.78 -2.04
C LYS D 134 -0.61 -39.43 -0.75
N GLY D 135 -1.33 -38.71 0.10
CA GLY D 135 -1.81 -39.25 1.36
C GLY D 135 -0.75 -39.46 2.42
N VAL D 136 0.49 -39.05 2.18
CA VAL D 136 1.57 -39.24 3.14
C VAL D 136 1.60 -38.05 4.09
N ILE D 137 1.59 -38.34 5.39
CA ILE D 137 1.73 -37.33 6.43
C ILE D 137 3.13 -37.45 7.02
N HIS D 138 3.82 -36.32 7.15
CA HIS D 138 5.22 -36.35 7.55
C HIS D 138 5.39 -36.48 9.05
N LYS D 139 4.66 -35.66 9.82
CA LYS D 139 4.59 -35.71 11.28
C LYS D 139 5.84 -35.20 11.99
N ASP D 140 6.96 -35.07 11.28
CA ASP D 140 8.22 -34.68 11.91
C ASP D 140 9.00 -33.71 11.02
N LEU D 141 8.32 -32.70 10.49
CA LEU D 141 8.98 -31.71 9.67
C LEU D 141 9.79 -30.75 10.56
N LYS D 142 11.06 -30.60 10.25
CA LYS D 142 11.98 -29.75 11.02
C LYS D 142 13.22 -29.51 10.16
N PRO D 143 14.02 -28.48 10.50
CA PRO D 143 15.20 -28.18 9.68
C PRO D 143 16.17 -29.34 9.54
N GLU D 144 16.21 -30.24 10.53
CA GLU D 144 17.09 -31.40 10.46
C GLU D 144 16.62 -32.43 9.43
N ASN D 145 15.39 -32.30 8.93
CA ASN D 145 14.85 -33.19 7.90
C ASN D 145 14.74 -32.49 6.55
N ILE D 146 15.39 -31.34 6.40
CA ILE D 146 15.43 -30.61 5.13
C ILE D 146 16.88 -30.54 4.70
N LEU D 147 17.26 -31.35 3.71
CA LEU D 147 18.64 -31.44 3.26
C LEU D 147 18.87 -30.48 2.09
N VAL D 148 20.07 -29.91 2.04
CA VAL D 148 20.42 -28.88 1.08
C VAL D 148 21.65 -29.31 0.31
N ASP D 149 21.59 -29.20 -1.02
CA ASP D 149 22.75 -29.53 -1.85
C ASP D 149 23.65 -28.31 -1.98
N ASN D 150 24.62 -28.37 -2.89
CA ASN D 150 25.55 -27.26 -3.08
C ASN D 150 24.93 -26.10 -3.86
N ASP D 151 23.88 -26.36 -4.64
CA ASP D 151 23.16 -25.30 -5.35
C ASP D 151 22.05 -24.68 -4.52
N PHE D 152 22.01 -24.99 -3.22
CA PHE D 152 21.02 -24.46 -2.27
C PHE D 152 19.59 -24.88 -2.61
N HIS D 153 19.44 -25.98 -3.34
CA HIS D 153 18.14 -26.63 -3.50
C HIS D 153 17.94 -27.62 -2.36
N ILE D 154 16.69 -27.78 -1.93
CA ILE D 154 16.38 -28.58 -0.75
C ILE D 154 15.60 -29.83 -1.16
N LYS D 155 15.64 -30.82 -0.27
CA LYS D 155 14.83 -32.01 -0.37
C LYS D 155 14.41 -32.44 1.03
N ILE D 156 13.15 -32.84 1.18
CA ILE D 156 12.60 -33.21 2.47
C ILE D 156 12.90 -34.69 2.73
N ALA D 157 13.41 -34.98 3.92
CA ALA D 157 13.77 -36.34 4.32
C ALA D 157 12.95 -36.76 5.54
N ASP D 158 13.09 -38.04 5.90
CA ASP D 158 12.42 -38.63 7.05
C ASP D 158 13.44 -39.41 7.87
N LEU D 159 14.42 -38.66 8.41
CA LEU D 159 15.56 -39.28 9.08
C LEU D 159 15.18 -39.95 10.40
N GLY D 160 14.05 -39.57 10.99
CA GLY D 160 13.57 -40.22 12.18
C GLY D 160 12.76 -41.48 11.93
N LEU D 161 12.53 -41.83 10.67
CA LEU D 161 11.79 -43.02 10.28
C LEU D 161 10.36 -43.00 10.83
N ALA D 162 9.77 -41.80 10.93
CA ALA D 162 8.41 -41.69 11.44
C ALA D 162 7.41 -42.33 10.49
N SER D 163 7.65 -42.22 9.18
CA SER D 163 6.79 -42.83 8.17
C SER D 163 7.22 -44.25 7.80
N PHE D 164 8.33 -44.73 8.38
CA PHE D 164 8.82 -46.09 8.15
C PHE D 164 8.49 -46.89 9.41
N LYS D 165 7.28 -47.44 9.46
CA LYS D 165 6.81 -48.10 10.67
C LYS D 165 7.63 -49.35 11.00
N MET D 166 7.95 -50.15 9.99
CA MET D 166 8.69 -51.38 10.25
C MET D 166 10.17 -51.09 10.52
N TRP D 167 10.76 -50.16 9.77
CA TRP D 167 12.18 -49.87 9.96
C TRP D 167 12.46 -49.15 11.27
N SER D 168 11.47 -48.42 11.80
CA SER D 168 11.65 -47.74 13.07
C SER D 168 11.52 -48.70 14.25
N LYS D 169 10.77 -49.79 14.08
CA LYS D 169 10.67 -50.79 15.15
C LYS D 169 12.01 -51.48 15.40
N LEU D 170 12.86 -51.57 14.38
CA LEU D 170 14.17 -52.19 14.52
C LEU D 170 15.11 -51.27 15.29
N GLY D 190 15.16 -35.01 18.30
CA GLY D 190 14.09 -35.21 19.26
C GLY D 190 13.53 -33.90 19.81
N THR D 191 13.65 -32.84 19.01
CA THR D 191 13.16 -31.53 19.42
C THR D 191 11.64 -31.47 19.34
N LEU D 192 11.06 -30.63 20.19
CA LEU D 192 9.62 -30.38 20.20
C LEU D 192 9.24 -29.00 19.69
N TYR D 193 10.23 -28.20 19.25
CA TYR D 193 9.96 -26.83 18.87
C TYR D 193 9.04 -26.72 17.66
N TYR D 194 8.94 -27.78 16.85
CA TYR D 194 8.19 -27.74 15.60
C TYR D 194 6.94 -28.61 15.66
N MET D 195 6.57 -29.10 16.83
CA MET D 195 5.41 -29.96 17.00
C MET D 195 4.17 -29.12 17.28
N ALA D 196 3.08 -29.45 16.60
CA ALA D 196 1.84 -28.71 16.80
C ALA D 196 1.36 -28.88 18.25
N PRO D 197 0.72 -27.86 18.82
CA PRO D 197 0.34 -27.94 20.24
C PRO D 197 -0.65 -29.06 20.54
N GLU D 198 -1.47 -29.47 19.56
CA GLU D 198 -2.41 -30.55 19.79
C GLU D 198 -1.74 -31.90 20.01
N HIS D 199 -0.45 -32.01 19.70
CA HIS D 199 0.31 -33.23 19.92
C HIS D 199 1.23 -33.15 21.12
N LEU D 200 1.40 -31.97 21.71
CA LEU D 200 2.14 -31.84 22.96
C LEU D 200 1.27 -32.32 24.12
N ASN D 201 1.83 -33.20 24.96
CA ASN D 201 1.11 -33.80 26.08
C ASN D 201 -0.12 -34.58 25.62
N ASP D 202 -0.09 -35.09 24.39
CA ASP D 202 -1.20 -35.88 23.87
C ASP D 202 -0.65 -36.69 22.69
N VAL D 203 -0.11 -37.87 23.00
CA VAL D 203 0.51 -38.72 21.99
C VAL D 203 -0.49 -39.62 21.29
N ASN D 204 -1.75 -39.65 21.74
CA ASN D 204 -2.75 -40.52 21.13
C ASN D 204 -3.50 -39.86 19.98
N ALA D 205 -3.47 -38.53 19.89
CA ALA D 205 -4.12 -37.84 18.79
C ALA D 205 -3.44 -38.18 17.47
N LYS D 206 -4.25 -38.35 16.43
CA LYS D 206 -3.72 -38.74 15.13
C LYS D 206 -3.25 -37.50 14.38
N PRO D 207 -2.01 -37.48 13.88
CA PRO D 207 -1.54 -36.31 13.12
C PRO D 207 -2.31 -36.15 11.81
N THR D 208 -2.53 -34.89 11.45
CA THR D 208 -3.24 -34.51 10.24
C THR D 208 -2.36 -33.56 9.43
N GLU D 209 -2.85 -33.20 8.24
CA GLU D 209 -2.10 -32.28 7.37
C GLU D 209 -1.81 -30.96 8.07
N LYS D 210 -2.72 -30.50 8.93
CA LYS D 210 -2.50 -29.25 9.64
C LYS D 210 -1.36 -29.35 10.65
N SER D 211 -0.94 -30.56 11.01
CA SER D 211 0.21 -30.72 11.89
C SER D 211 1.50 -30.36 11.17
N ASP D 212 1.63 -30.79 9.91
CA ASP D 212 2.79 -30.41 9.12
C ASP D 212 2.78 -28.92 8.78
N VAL D 213 1.59 -28.33 8.66
CA VAL D 213 1.50 -26.90 8.38
C VAL D 213 2.06 -26.10 9.55
N TYR D 214 1.79 -26.55 10.78
CA TYR D 214 2.34 -25.88 11.95
C TYR D 214 3.86 -25.93 11.95
N SER D 215 4.42 -27.13 11.72
CA SER D 215 5.88 -27.27 11.67
C SER D 215 6.48 -26.37 10.60
N PHE D 216 5.78 -26.23 9.47
CA PHE D 216 6.23 -25.33 8.42
C PHE D 216 6.32 -23.89 8.91
N ALA D 217 5.45 -23.50 9.85
CA ALA D 217 5.46 -22.13 10.36
C ALA D 217 6.73 -21.85 11.16
N VAL D 218 7.12 -22.77 12.04
CA VAL D 218 8.31 -22.56 12.85
C VAL D 218 9.57 -22.64 11.99
N VAL D 219 9.57 -23.53 10.99
CA VAL D 219 10.68 -23.59 10.04
C VAL D 219 10.80 -22.25 9.30
N LEU D 220 9.67 -21.67 8.91
CA LEU D 220 9.67 -20.34 8.32
C LEU D 220 10.34 -19.34 9.25
N TRP D 221 10.00 -19.39 10.54
CA TRP D 221 10.63 -18.52 11.53
C TRP D 221 12.12 -18.76 11.61
N ALA D 222 12.54 -20.04 11.63
CA ALA D 222 13.95 -20.36 11.75
C ALA D 222 14.74 -19.92 10.53
N ILE D 223 14.11 -19.90 9.36
CA ILE D 223 14.81 -19.52 8.14
C ILE D 223 15.21 -18.05 8.20
N PHE D 224 14.35 -17.20 8.76
CA PHE D 224 14.62 -15.78 8.83
C PHE D 224 15.23 -15.34 10.15
N ALA D 225 15.22 -16.19 11.17
CA ALA D 225 15.92 -15.89 12.41
C ALA D 225 17.34 -16.44 12.43
N ASN D 226 17.67 -17.37 11.55
CA ASN D 226 18.98 -18.03 11.49
C ASN D 226 19.32 -18.69 12.83
N LYS D 227 18.31 -19.21 13.52
CA LYS D 227 18.50 -19.79 14.85
C LYS D 227 17.31 -20.67 15.17
N GLU D 228 17.47 -21.50 16.21
CA GLU D 228 16.36 -22.26 16.75
C GLU D 228 15.51 -21.38 17.66
N PRO D 229 14.22 -21.65 17.77
CA PRO D 229 13.34 -20.80 18.58
C PRO D 229 13.47 -21.10 20.07
N TYR D 230 12.87 -20.20 20.86
CA TYR D 230 12.79 -20.34 22.32
C TYR D 230 14.16 -20.43 22.97
N GLU D 231 15.04 -19.49 22.59
CA GLU D 231 16.43 -19.39 23.06
C GLU D 231 17.08 -20.75 23.34
N ASN D 232 16.72 -21.77 22.55
CA ASN D 232 17.17 -23.14 22.75
C ASN D 232 16.91 -23.60 24.18
N ALA D 233 15.74 -23.24 24.70
CA ALA D 233 15.36 -23.66 26.04
C ALA D 233 14.98 -25.14 26.05
N ILE D 234 15.25 -25.78 27.18
CA ILE D 234 14.97 -27.21 27.31
C ILE D 234 13.48 -27.45 27.13
N ALA D 235 13.14 -28.53 26.42
CA ALA D 235 11.74 -28.84 26.15
C ALA D 235 11.09 -29.46 27.38
N GLU D 236 10.88 -28.66 28.43
CA GLU D 236 10.25 -29.14 29.65
C GLU D 236 8.78 -28.70 29.69
N GLN D 237 8.11 -29.12 30.77
CA GLN D 237 6.69 -28.85 30.93
C GLN D 237 6.36 -27.37 30.79
N GLN D 238 7.19 -26.51 31.36
CA GLN D 238 6.89 -25.08 31.36
C GLN D 238 6.88 -24.51 29.95
N LEU D 239 7.86 -24.89 29.12
CA LEU D 239 7.86 -24.47 27.73
C LEU D 239 6.69 -25.10 26.97
N ILE D 240 6.41 -26.38 27.25
CA ILE D 240 5.32 -27.07 26.55
C ILE D 240 3.98 -26.43 26.90
N MET D 241 3.76 -26.16 28.20
CA MET D 241 2.51 -25.53 28.60
C MET D 241 2.36 -24.14 28.00
N ALA D 242 3.47 -23.40 27.90
CA ALA D 242 3.41 -22.08 27.29
C ALA D 242 3.00 -22.17 25.82
N ILE D 243 3.57 -23.12 25.08
CA ILE D 243 3.22 -23.29 23.68
C ILE D 243 1.76 -23.73 23.54
N LYS D 244 1.31 -24.62 24.44
CA LYS D 244 -0.08 -25.05 24.41
C LYS D 244 -1.03 -23.89 24.73
N SER D 245 -0.55 -22.88 25.45
CA SER D 245 -1.37 -21.74 25.82
C SER D 245 -1.33 -20.61 24.80
N GLY D 246 -0.42 -20.66 23.84
CA GLY D 246 -0.40 -19.65 22.79
C GLY D 246 0.96 -19.03 22.54
N ASN D 247 1.97 -19.42 23.33
CA ASN D 247 3.31 -18.88 23.14
C ASN D 247 3.91 -19.38 21.84
N ARG D 248 4.51 -18.47 21.09
CA ARG D 248 5.07 -18.74 19.77
C ARG D 248 6.48 -18.17 19.71
N PRO D 249 7.25 -18.54 18.68
CA PRO D 249 8.58 -17.93 18.53
C PRO D 249 8.48 -16.41 18.40
N ASP D 250 9.45 -15.73 19.03
CA ASP D 250 9.43 -14.27 19.10
C ASP D 250 9.67 -13.68 17.71
N VAL D 251 8.64 -13.04 17.16
CA VAL D 251 8.76 -12.43 15.83
C VAL D 251 9.74 -11.26 15.88
N ASP D 252 9.74 -10.51 16.99
CA ASP D 252 10.68 -9.40 17.13
C ASP D 252 12.13 -9.87 17.18
N ASP D 253 12.36 -11.17 17.41
CA ASP D 253 13.72 -11.70 17.42
C ASP D 253 14.28 -11.91 16.02
N ILE D 254 13.50 -11.66 14.98
CA ILE D 254 14.00 -11.69 13.61
C ILE D 254 14.65 -10.35 13.33
N THR D 255 15.98 -10.31 13.31
CA THR D 255 16.68 -9.08 13.02
C THR D 255 16.82 -8.84 11.52
N GLU D 256 17.01 -9.91 10.76
CA GLU D 256 17.07 -9.83 9.31
C GLU D 256 15.78 -9.24 8.75
N TYR D 257 15.87 -8.72 7.52
CA TYR D 257 14.67 -8.23 6.85
C TYR D 257 13.79 -9.41 6.45
N CYS D 258 12.49 -9.29 6.76
CA CYS D 258 11.54 -10.33 6.41
C CYS D 258 10.30 -9.65 5.83
N PRO D 259 9.85 -10.06 4.65
CA PRO D 259 8.65 -9.44 4.06
C PRO D 259 7.43 -9.69 4.93
N ARG D 260 6.54 -8.68 4.97
CA ARG D 260 5.35 -8.78 5.80
C ARG D 260 4.42 -9.90 5.35
N GLU D 261 4.49 -10.32 4.09
CA GLU D 261 3.69 -11.45 3.64
C GLU D 261 4.14 -12.75 4.29
N ILE D 262 5.45 -12.94 4.42
CA ILE D 262 5.98 -14.16 5.03
C ILE D 262 5.65 -14.20 6.51
N ILE D 263 5.74 -13.05 7.20
CA ILE D 263 5.37 -12.99 8.60
C ILE D 263 3.89 -13.29 8.78
N SER D 264 3.06 -12.78 7.87
CA SER D 264 1.63 -13.09 7.94
C SER D 264 1.35 -14.55 7.67
N LEU D 265 2.03 -15.12 6.66
CA LEU D 265 1.95 -16.56 6.43
C LEU D 265 2.41 -17.34 7.66
N MET D 266 3.47 -16.85 8.30
CA MET D 266 4.00 -17.48 9.51
C MET D 266 2.93 -17.58 10.59
N LYS D 267 2.32 -16.44 10.94
CA LYS D 267 1.35 -16.41 12.03
C LYS D 267 0.09 -17.21 11.70
N LEU D 268 -0.29 -17.26 10.42
CA LEU D 268 -1.48 -18.01 10.04
C LEU D 268 -1.26 -19.51 10.16
N CYS D 269 -0.02 -19.97 9.94
CA CYS D 269 0.25 -21.40 9.92
C CYS D 269 0.51 -22.00 11.31
N TRP D 270 0.85 -21.19 12.30
CA TRP D 270 0.98 -21.69 13.67
C TRP D 270 -0.21 -21.28 14.53
N GLU D 271 -1.39 -21.12 13.93
CA GLU D 271 -2.60 -20.85 14.68
C GLU D 271 -2.91 -22.01 15.61
N ALA D 272 -3.45 -21.70 16.79
CA ALA D 272 -3.75 -22.74 17.77
C ALA D 272 -4.79 -23.71 17.24
N ASN D 273 -5.86 -23.19 16.66
CA ASN D 273 -6.91 -24.04 16.09
C ASN D 273 -6.45 -24.61 14.76
N PRO D 274 -6.31 -25.93 14.61
CA PRO D 274 -5.82 -26.48 13.34
C PRO D 274 -6.72 -26.14 12.15
N GLU D 275 -8.01 -25.94 12.38
CA GLU D 275 -8.91 -25.61 11.28
C GLU D 275 -8.55 -24.26 10.65
N ALA D 276 -8.00 -23.33 11.44
CA ALA D 276 -7.67 -22.02 10.92
C ALA D 276 -6.43 -22.03 10.05
N ARG D 277 -5.59 -23.05 10.17
CA ARG D 277 -4.38 -23.11 9.37
C ARG D 277 -4.72 -23.44 7.92
N PRO D 278 -4.02 -22.83 6.96
CA PRO D 278 -4.28 -23.15 5.55
C PRO D 278 -3.65 -24.48 5.16
N THR D 279 -3.99 -24.94 3.96
CA THR D 279 -3.36 -26.11 3.38
C THR D 279 -2.15 -25.71 2.55
N PHE D 280 -1.28 -26.68 2.29
CA PHE D 280 -0.10 -26.39 1.49
C PHE D 280 -0.43 -25.95 0.06
N PRO D 281 -1.42 -26.52 -0.65
CA PRO D 281 -1.83 -25.89 -1.91
C PRO D 281 -2.29 -24.45 -1.73
N GLY D 282 -2.97 -24.15 -0.61
CA GLY D 282 -3.37 -22.78 -0.36
C GLY D 282 -2.18 -21.88 -0.04
N ILE D 283 -1.17 -22.42 0.64
CA ILE D 283 0.04 -21.65 0.91
C ILE D 283 0.79 -21.37 -0.39
N GLU D 284 0.79 -22.34 -1.31
CA GLU D 284 1.39 -22.13 -2.62
C GLU D 284 0.63 -21.09 -3.43
N GLU D 285 -0.68 -20.96 -3.19
CA GLU D 285 -1.47 -19.97 -3.92
C GLU D 285 -1.04 -18.56 -3.59
N LYS D 286 -0.72 -18.30 -2.32
CA LYS D 286 -0.34 -16.97 -1.87
C LYS D 286 1.14 -16.68 -2.05
N PHE D 287 2.00 -17.68 -1.83
CA PHE D 287 3.44 -17.43 -1.79
C PHE D 287 4.07 -17.39 -3.18
N ARG D 288 3.66 -18.31 -4.06
CA ARG D 288 4.29 -18.38 -5.39
C ARG D 288 4.20 -17.09 -6.18
N PRO D 289 3.04 -16.41 -6.29
CA PRO D 289 3.04 -15.12 -7.01
C PRO D 289 3.84 -14.05 -6.30
N PHE D 290 3.91 -14.09 -4.97
CA PHE D 290 4.75 -13.12 -4.27
C PHE D 290 6.22 -13.41 -4.49
N TYR D 291 6.60 -14.68 -4.56
CA TYR D 291 7.99 -15.03 -4.79
C TYR D 291 8.46 -14.59 -6.18
N LEU D 292 7.61 -14.80 -7.20
CA LEU D 292 7.99 -14.46 -8.56
C LEU D 292 8.05 -12.94 -8.77
N SER D 293 7.22 -12.19 -8.05
CA SER D 293 7.13 -10.76 -8.28
C SER D 293 8.19 -9.98 -7.52
N GLN D 294 8.61 -10.46 -6.35
CA GLN D 294 9.51 -9.71 -5.49
C GLN D 294 10.83 -10.42 -5.23
N LEU D 295 10.80 -11.69 -4.84
CA LEU D 295 12.01 -12.35 -4.38
C LEU D 295 12.86 -12.89 -5.54
N GLU D 296 12.24 -13.07 -6.71
CA GLU D 296 12.81 -13.63 -7.96
C GLU D 296 12.44 -15.10 -8.12
#